data_5L9G
#
_entry.id   5L9G
#
_cell.length_a   71.220
_cell.length_b   71.220
_cell.length_c   135.020
_cell.angle_alpha   90.00
_cell.angle_beta   90.00
_cell.angle_gamma   90.00
#
_symmetry.space_group_name_H-M   'P 41'
#
loop_
_entity.id
_entity.type
_entity.pdbx_description
1 polymer 'periplasmic binding protein'
2 non-polymer mannopine
3 non-polymer 1,2-ETHANEDIOL
4 non-polymer 'CALCIUM ION'
5 water water
#
_entity_poly.entity_id   1
_entity_poly.type   'polypeptide(L)'
_entity_poly.pdbx_seq_one_letter_code
;MGSSHHHHHHSSGLVPRGSHMDVVIASSGGGWQEAQDKALWAPAAKALNITYTQDTFQNWAEARAQVESGSVTWDIIQIG
IADEPQAKAAGVLEKLDPDIVNKADFPPGSVTDSFVANSNYSTLIAWNKKTYGDNGPKSMADFFDVKKFPGKRALWNQPI
GMIEAAALALGTPRDKVYEFLSTEEGRKAAIAKLTELAPSVSVWWESGAQAAQLIKDGEVDMIITWGGRVQGAINDGANF
AYTFNDAQLGTDGYAIVKGAPHRDAAMRFLKEMSKAEYQKDLPNSFATAPANMKAYDLAKYTPEKMATMASAPENVAVQY
SVDPNFWAKHAKWASEAYDNVRLSRHHHHHH
;
_entity_poly.pdbx_strand_id   A,B
#
# COMPACT_ATOMS: atom_id res chain seq x y z
N MET A 21 36.00 26.07 -6.24
CA MET A 21 35.53 25.13 -7.25
C MET A 21 34.55 24.02 -6.74
N ASP A 22 34.34 23.92 -5.42
CA ASP A 22 33.43 22.92 -4.86
C ASP A 22 31.97 23.36 -4.92
N VAL A 23 31.05 22.40 -5.08
CA VAL A 23 29.60 22.65 -4.97
C VAL A 23 29.37 22.79 -3.47
N VAL A 24 28.66 23.86 -3.02
CA VAL A 24 28.39 24.04 -1.60
C VAL A 24 26.98 23.54 -1.29
N ILE A 25 26.86 22.58 -0.36
CA ILE A 25 25.56 22.03 0.06
C ILE A 25 25.35 22.30 1.56
N ALA A 26 24.13 22.74 1.92
CA ALA A 26 23.87 23.07 3.31
C ALA A 26 22.59 22.48 3.86
N SER A 27 22.67 21.93 5.07
CA SER A 27 21.47 21.43 5.76
C SER A 27 21.53 22.01 7.20
N SER A 28 20.89 21.39 8.18
CA SER A 28 20.78 21.95 9.51
C SER A 28 21.69 21.32 10.59
N GLY A 29 22.71 20.59 10.17
CA GLY A 29 23.73 20.01 11.05
C GLY A 29 23.29 18.78 11.81
N GLY A 30 24.16 18.35 12.74
CA GLY A 30 23.88 17.21 13.59
C GLY A 30 23.67 15.90 12.84
N GLY A 31 22.95 14.98 13.50
CA GLY A 31 22.67 13.63 13.00
C GLY A 31 22.02 13.60 11.63
N TRP A 32 21.12 14.55 11.37
CA TRP A 32 20.41 14.65 10.10
C TRP A 32 21.37 14.98 8.95
N GLN A 33 22.27 15.98 9.16
CA GLN A 33 23.26 16.36 8.14
C GLN A 33 24.24 15.23 7.90
N GLU A 34 24.64 14.54 8.98
CA GLU A 34 25.54 13.39 8.91
C GLU A 34 24.92 12.25 8.09
N ALA A 35 23.63 11.99 8.28
CA ALA A 35 22.91 10.96 7.54
C ALA A 35 22.87 11.30 6.04
N GLN A 36 22.57 12.56 5.69
CA GLN A 36 22.53 13.00 4.30
C GLN A 36 23.93 12.89 3.68
N ASP A 37 24.96 13.33 4.41
CA ASP A 37 26.33 13.26 3.90
C ASP A 37 26.76 11.82 3.62
N LYS A 38 26.45 10.89 4.54
CA LYS A 38 26.85 9.49 4.39
C LYS A 38 26.10 8.73 3.31
N ALA A 39 24.76 8.86 3.30
CA ALA A 39 23.89 8.14 2.39
C ALA A 39 23.76 8.74 1.01
N LEU A 40 23.81 10.08 0.92
CA LEU A 40 23.55 10.79 -0.34
C LEU A 40 24.71 11.56 -0.94
N TRP A 41 25.26 12.55 -0.21
CA TRP A 41 26.27 13.46 -0.74
C TRP A 41 27.59 12.78 -1.08
N ALA A 42 28.26 12.11 -0.11
CA ALA A 42 29.52 11.40 -0.38
C ALA A 42 29.38 10.33 -1.51
N PRO A 43 28.39 9.39 -1.53
CA PRO A 43 28.34 8.44 -2.66
C PRO A 43 27.95 9.06 -4.00
N ALA A 44 27.01 10.03 -4.03
CA ALA A 44 26.63 10.69 -5.29
C ALA A 44 27.79 11.49 -5.89
N ALA A 45 28.52 12.26 -5.05
CA ALA A 45 29.69 13.03 -5.51
C ALA A 45 30.80 12.10 -6.01
N LYS A 46 30.96 10.89 -5.38
CA LYS A 46 31.95 9.87 -5.79
C LYS A 46 31.59 9.34 -7.19
N ALA A 47 30.30 9.01 -7.42
CA ALA A 47 29.78 8.52 -8.69
C ALA A 47 29.93 9.53 -9.83
N LEU A 48 29.73 10.84 -9.56
CA LEU A 48 29.86 11.87 -10.59
C LEU A 48 31.30 12.38 -10.74
N ASN A 49 32.18 11.96 -9.80
CA ASN A 49 33.58 12.37 -9.69
C ASN A 49 33.69 13.90 -9.53
N ILE A 50 32.95 14.43 -8.54
CA ILE A 50 32.91 15.86 -8.20
C ILE A 50 33.30 16.08 -6.72
N THR A 51 33.70 17.31 -6.37
CA THR A 51 34.05 17.68 -5.00
C THR A 51 32.99 18.64 -4.47
N TYR A 52 32.72 18.56 -3.16
CA TYR A 52 31.72 19.40 -2.51
C TYR A 52 32.16 19.83 -1.11
N THR A 53 31.62 20.97 -0.66
CA THR A 53 31.84 21.56 0.65
C THR A 53 30.49 21.62 1.37
N GLN A 54 30.47 21.33 2.68
CA GLN A 54 29.26 21.41 3.49
C GLN A 54 29.20 22.73 4.26
N ASP A 55 27.97 23.19 4.54
CA ASP A 55 27.70 24.32 5.43
C ASP A 55 26.43 23.97 6.22
N THR A 56 26.09 24.76 7.24
CA THR A 56 24.88 24.50 8.04
C THR A 56 24.14 25.80 8.25
N PHE A 57 22.81 25.70 8.37
CA PHE A 57 21.92 26.84 8.62
C PHE A 57 20.61 26.32 9.18
N GLN A 58 19.84 27.21 9.82
CA GLN A 58 18.57 26.81 10.42
C GLN A 58 17.37 27.48 9.79
N ASN A 59 17.54 28.72 9.33
CA ASN A 59 16.42 29.54 8.82
C ASN A 59 16.58 29.86 7.34
N TRP A 60 15.52 29.58 6.51
CA TRP A 60 15.52 29.86 5.06
C TRP A 60 15.91 31.32 4.78
N ALA A 61 15.60 32.24 5.73
CA ALA A 61 15.92 33.67 5.59
C ALA A 61 17.44 33.94 5.45
N GLU A 62 18.29 32.97 5.87
CA GLU A 62 19.74 33.07 5.73
C GLU A 62 20.11 32.93 4.24
N ALA A 63 19.37 32.08 3.49
CA ALA A 63 19.56 31.92 2.05
C ALA A 63 19.11 33.20 1.34
N ARG A 64 18.01 33.83 1.87
CA ARG A 64 17.49 35.10 1.35
C ARG A 64 18.53 36.21 1.52
N ALA A 65 19.18 36.28 2.72
CA ALA A 65 20.23 37.28 3.02
C ALA A 65 21.40 37.19 2.05
N GLN A 66 21.78 35.95 1.64
CA GLN A 66 22.86 35.75 0.65
C GLN A 66 22.44 36.32 -0.72
N VAL A 67 21.16 36.10 -1.12
CA VAL A 67 20.63 36.61 -2.39
C VAL A 67 20.57 38.14 -2.35
N GLU A 68 20.01 38.71 -1.25
CA GLU A 68 19.87 40.15 -1.01
C GLU A 68 21.21 40.89 -1.00
N SER A 69 22.27 40.25 -0.45
CA SER A 69 23.61 40.82 -0.37
C SER A 69 24.31 40.95 -1.73
N GLY A 70 23.98 40.06 -2.66
CA GLY A 70 24.60 40.01 -3.98
C GLY A 70 25.79 39.08 -4.02
N SER A 71 26.04 38.37 -2.89
CA SER A 71 27.13 37.40 -2.73
C SER A 71 26.58 36.03 -2.31
N VAL A 72 26.19 35.20 -3.31
CA VAL A 72 25.67 33.86 -3.09
C VAL A 72 26.84 32.86 -3.07
N THR A 73 27.02 32.16 -1.94
CA THR A 73 28.07 31.14 -1.78
C THR A 73 27.50 29.73 -1.75
N TRP A 74 26.23 29.58 -1.33
CA TRP A 74 25.57 28.27 -1.28
C TRP A 74 25.05 27.85 -2.65
N ASP A 75 25.14 26.56 -2.97
CA ASP A 75 24.58 26.04 -4.23
C ASP A 75 23.27 25.33 -3.91
N ILE A 76 23.35 24.21 -3.17
CA ILE A 76 22.17 23.43 -2.75
C ILE A 76 21.84 23.73 -1.30
N ILE A 77 20.54 23.97 -1.03
CA ILE A 77 20.05 24.15 0.33
C ILE A 77 18.99 23.11 0.62
N GLN A 78 19.06 22.52 1.81
CA GLN A 78 18.03 21.59 2.25
C GLN A 78 17.04 22.45 3.02
N ILE A 79 15.79 22.50 2.55
CA ILE A 79 14.72 23.27 3.20
C ILE A 79 13.51 22.38 3.48
N GLY A 80 12.58 22.89 4.30
CA GLY A 80 11.32 22.20 4.56
C GLY A 80 10.34 22.55 3.44
N ILE A 81 9.47 21.60 3.08
CA ILE A 81 8.48 21.79 2.01
C ILE A 81 7.63 23.05 2.22
N ALA A 82 7.34 23.41 3.50
CA ALA A 82 6.48 24.56 3.81
C ALA A 82 7.22 25.90 3.76
N ASP A 83 8.58 25.90 3.63
CA ASP A 83 9.32 27.15 3.43
C ASP A 83 9.50 27.41 1.93
N GLU A 84 9.31 26.37 1.09
CA GLU A 84 9.47 26.47 -0.36
C GLU A 84 8.58 27.58 -0.99
N PRO A 85 7.27 27.70 -0.66
CA PRO A 85 6.48 28.78 -1.29
C PRO A 85 7.00 30.19 -1.02
N GLN A 86 7.32 30.53 0.25
CA GLN A 86 7.82 31.87 0.59
C GLN A 86 9.24 32.13 0.05
N ALA A 87 10.10 31.08 -0.01
CA ALA A 87 11.45 31.21 -0.58
C ALA A 87 11.36 31.47 -2.08
N LYS A 88 10.49 30.72 -2.79
CA LYS A 88 10.26 30.88 -4.23
C LYS A 88 9.69 32.28 -4.56
N ALA A 89 8.75 32.78 -3.73
CA ALA A 89 8.12 34.10 -3.90
C ALA A 89 9.12 35.24 -3.68
N ALA A 90 10.08 35.03 -2.75
CA ALA A 90 11.12 36.02 -2.44
C ALA A 90 12.28 36.01 -3.46
N GLY A 91 12.20 35.15 -4.47
CA GLY A 91 13.21 35.01 -5.52
C GLY A 91 14.51 34.41 -5.03
N VAL A 92 14.42 33.50 -4.05
CA VAL A 92 15.60 32.87 -3.42
C VAL A 92 15.97 31.55 -4.13
N LEU A 93 15.04 30.97 -4.91
CA LEU A 93 15.27 29.67 -5.53
C LEU A 93 15.40 29.65 -7.04
N GLU A 94 16.34 28.83 -7.55
CA GLU A 94 16.51 28.59 -8.98
C GLU A 94 15.42 27.62 -9.40
N LYS A 95 14.91 27.76 -10.63
CA LYS A 95 13.93 26.80 -11.17
C LYS A 95 14.76 25.57 -11.57
N LEU A 96 14.32 24.37 -11.17
CA LEU A 96 15.06 23.15 -11.48
C LEU A 96 14.82 22.66 -12.91
N ASP A 97 15.78 21.90 -13.48
CA ASP A 97 15.68 21.31 -14.82
C ASP A 97 14.40 20.44 -14.90
N PRO A 98 13.74 20.38 -16.08
CA PRO A 98 12.45 19.68 -16.17
C PRO A 98 12.35 18.27 -15.60
N ASP A 99 13.23 17.34 -16.03
CA ASP A 99 13.12 15.95 -15.58
C ASP A 99 14.19 15.55 -14.54
N ILE A 100 14.43 16.42 -13.54
CA ILE A 100 15.41 16.20 -12.46
C ILE A 100 15.09 14.89 -11.69
N VAL A 101 13.80 14.57 -11.54
CA VAL A 101 13.26 13.32 -11.00
C VAL A 101 12.00 13.01 -11.79
N ASN A 102 11.52 11.77 -11.67
CA ASN A 102 10.24 11.31 -12.20
C ASN A 102 9.30 11.49 -10.99
N LYS A 103 8.36 12.45 -11.08
CA LYS A 103 7.41 12.77 -9.99
C LYS A 103 6.61 11.56 -9.48
N ALA A 104 6.38 10.54 -10.34
CA ALA A 104 5.68 9.30 -9.99
C ALA A 104 6.39 8.49 -8.88
N ASP A 105 7.72 8.67 -8.74
CA ASP A 105 8.53 7.99 -7.73
C ASP A 105 8.47 8.68 -6.35
N PHE A 106 7.88 9.88 -6.28
CA PHE A 106 7.85 10.63 -5.02
C PHE A 106 6.41 10.87 -4.54
N PRO A 107 6.16 11.19 -3.24
CA PRO A 107 4.77 11.47 -2.81
C PRO A 107 4.15 12.63 -3.62
N PRO A 108 2.83 12.62 -3.86
CA PRO A 108 2.23 13.74 -4.62
C PRO A 108 2.44 15.08 -3.90
N GLY A 109 2.79 16.11 -4.67
CA GLY A 109 3.05 17.45 -4.18
C GLY A 109 4.43 17.65 -3.56
N SER A 110 5.22 16.56 -3.41
CA SER A 110 6.55 16.63 -2.79
C SER A 110 7.67 17.11 -3.74
N VAL A 111 7.36 17.28 -5.03
CA VAL A 111 8.30 17.78 -6.03
C VAL A 111 7.66 18.99 -6.73
N THR A 112 8.28 20.17 -6.62
CA THR A 112 7.75 21.40 -7.25
C THR A 112 8.74 21.77 -8.35
N ASP A 113 8.51 22.91 -9.06
CA ASP A 113 9.47 23.37 -10.08
C ASP A 113 10.79 23.87 -9.45
N SER A 114 10.86 23.98 -8.10
CA SER A 114 12.01 24.53 -7.38
C SER A 114 12.49 23.68 -6.20
N PHE A 115 11.94 22.48 -6.03
CA PHE A 115 12.22 21.65 -4.85
C PHE A 115 12.01 20.18 -5.16
N VAL A 116 12.93 19.33 -4.67
CA VAL A 116 12.88 17.87 -4.79
C VAL A 116 12.95 17.30 -3.37
N ALA A 117 11.89 16.58 -2.95
CA ALA A 117 11.84 15.94 -1.62
C ALA A 117 12.98 14.94 -1.46
N ASN A 118 13.51 14.82 -0.23
CA ASN A 118 14.49 13.78 0.06
C ASN A 118 13.98 12.87 1.21
N SER A 119 12.99 13.33 2.01
CA SER A 119 12.52 12.55 3.16
C SER A 119 11.20 13.03 3.74
N ASN A 120 10.59 12.16 4.55
CA ASN A 120 9.46 12.45 5.43
C ASN A 120 9.99 12.27 6.85
N TYR A 121 9.50 13.11 7.75
CA TYR A 121 9.84 13.12 9.18
C TYR A 121 8.61 13.58 9.96
N SER A 122 8.70 13.56 11.29
CA SER A 122 7.59 14.00 12.13
C SER A 122 8.06 15.05 13.12
N THR A 123 7.20 16.03 13.40
CA THR A 123 7.39 17.04 14.44
C THR A 123 6.47 16.47 15.54
N LEU A 124 7.06 15.91 16.59
CA LEU A 124 6.31 15.14 17.58
C LEU A 124 6.61 15.51 19.03
N ILE A 125 5.83 14.93 19.96
CA ILE A 125 5.94 15.13 21.41
C ILE A 125 6.83 14.07 22.01
N ALA A 126 7.84 14.49 22.79
CA ALA A 126 8.71 13.58 23.55
C ALA A 126 8.68 14.06 24.98
N TRP A 127 8.78 13.14 25.93
CA TRP A 127 8.78 13.51 27.35
C TRP A 127 9.83 12.78 28.13
N ASN A 128 10.20 13.40 29.25
CA ASN A 128 11.22 12.92 30.16
C ASN A 128 10.61 11.84 31.05
N LYS A 129 11.13 10.60 30.93
CA LYS A 129 10.63 9.49 31.78
C LYS A 129 11.01 9.63 33.26
N LYS A 130 12.10 10.38 33.56
CA LYS A 130 12.46 10.64 34.96
C LYS A 130 11.33 11.52 35.57
N THR A 131 10.81 12.48 34.80
CA THR A 131 9.77 13.38 35.31
C THR A 131 8.39 12.71 35.46
N TYR A 132 7.90 12.04 34.39
CA TYR A 132 6.56 11.50 34.27
C TYR A 132 6.42 10.00 34.23
N GLY A 133 7.54 9.29 34.09
CA GLY A 133 7.53 7.84 33.91
C GLY A 133 6.85 7.52 32.58
N ASP A 134 6.06 6.45 32.54
CA ASP A 134 5.33 6.07 31.34
C ASP A 134 4.07 6.95 31.17
N ASN A 135 3.67 7.68 32.23
CA ASN A 135 2.47 8.52 32.21
C ASN A 135 2.77 9.97 31.79
N GLY A 136 3.39 10.08 30.62
CA GLY A 136 3.73 11.36 30.03
C GLY A 136 2.62 11.90 29.14
N PRO A 137 2.82 13.11 28.58
CA PRO A 137 1.79 13.66 27.68
C PRO A 137 1.70 12.84 26.39
N LYS A 138 0.48 12.49 25.97
CA LYS A 138 0.34 11.66 24.77
C LYS A 138 -0.47 12.35 23.65
N SER A 139 -0.68 13.67 23.77
CA SER A 139 -1.48 14.49 22.83
C SER A 139 -1.07 15.95 23.01
N MET A 140 -1.45 16.83 22.06
CA MET A 140 -1.13 18.26 22.20
C MET A 140 -1.91 18.89 23.36
N ALA A 141 -3.16 18.43 23.60
CA ALA A 141 -3.95 18.92 24.74
C ALA A 141 -3.12 18.65 26.02
N ASP A 142 -2.53 17.45 26.15
CA ASP A 142 -1.69 17.06 27.30
C ASP A 142 -0.44 17.93 27.38
N PHE A 143 0.23 18.16 26.22
CA PHE A 143 1.46 18.97 26.17
C PHE A 143 1.17 20.37 26.74
N PHE A 144 0.01 20.95 26.41
CA PHE A 144 -0.33 22.32 26.83
C PHE A 144 -0.97 22.37 28.21
N ASP A 145 -1.19 21.20 28.82
CA ASP A 145 -1.86 21.11 30.13
C ASP A 145 -0.84 21.15 31.27
N VAL A 146 -0.53 22.36 31.74
CA VAL A 146 0.47 22.61 32.79
C VAL A 146 -0.05 22.16 34.18
N LYS A 147 -1.37 22.08 34.35
CA LYS A 147 -1.96 21.60 35.59
C LYS A 147 -1.82 20.08 35.69
N LYS A 148 -2.21 19.33 34.64
CA LYS A 148 -2.11 17.86 34.65
C LYS A 148 -0.66 17.39 34.52
N PHE A 149 0.15 18.11 33.70
CA PHE A 149 1.55 17.77 33.50
C PHE A 149 2.46 18.98 33.81
N PRO A 150 2.71 19.28 35.11
CA PRO A 150 3.62 20.41 35.41
C PRO A 150 5.01 20.10 34.91
N GLY A 151 5.71 21.13 34.45
CA GLY A 151 7.07 20.95 33.98
C GLY A 151 7.53 21.89 32.90
N LYS A 152 8.82 21.81 32.61
CA LYS A 152 9.51 22.63 31.63
C LYS A 152 9.26 22.11 30.23
N ARG A 153 8.68 22.98 29.37
CA ARG A 153 8.44 22.71 27.95
C ARG A 153 9.54 23.31 27.08
N ALA A 154 9.81 22.69 25.92
CA ALA A 154 10.70 23.26 24.92
C ALA A 154 10.01 23.19 23.57
N LEU A 155 10.02 24.32 22.85
CA LEU A 155 9.39 24.42 21.53
C LEU A 155 10.41 25.03 20.59
N TRP A 156 10.20 24.88 19.28
CA TRP A 156 11.11 25.42 18.27
C TRP A 156 11.02 26.96 18.26
N ASN A 157 12.11 27.64 17.85
CA ASN A 157 12.06 29.10 17.75
C ASN A 157 11.52 29.54 16.38
N GLN A 158 11.11 28.58 15.53
CA GLN A 158 10.48 28.85 14.23
C GLN A 158 9.06 28.26 14.27
N PRO A 159 8.09 28.80 13.50
CA PRO A 159 6.68 28.43 13.72
C PRO A 159 6.10 27.18 13.07
N ILE A 160 6.72 26.62 12.00
CA ILE A 160 6.14 25.43 11.34
C ILE A 160 6.00 24.25 12.32
N GLY A 161 4.76 23.82 12.52
CA GLY A 161 4.44 22.74 13.46
C GLY A 161 4.02 23.27 14.82
N MET A 162 4.50 24.48 15.19
CA MET A 162 4.20 25.12 16.49
C MET A 162 2.81 25.77 16.52
N ILE A 163 2.44 26.50 15.45
CA ILE A 163 1.11 27.13 15.33
C ILE A 163 0.04 26.02 15.32
N GLU A 164 0.28 24.98 14.51
CA GLU A 164 -0.64 23.84 14.36
C GLU A 164 -0.78 23.09 15.68
N ALA A 165 0.33 22.99 16.48
CA ALA A 165 0.32 22.31 17.79
C ALA A 165 -0.71 22.99 18.70
N ALA A 166 -0.73 24.33 18.70
CA ALA A 166 -1.68 25.12 19.49
C ALA A 166 -3.12 24.88 19.03
N ALA A 167 -3.36 24.81 17.69
CA ALA A 167 -4.69 24.52 17.12
C ALA A 167 -5.17 23.15 17.63
N LEU A 168 -4.27 22.13 17.61
CA LEU A 168 -4.57 20.79 18.13
C LEU A 168 -4.87 20.81 19.63
N ALA A 169 -4.07 21.55 20.44
CA ALA A 169 -4.29 21.69 21.89
C ALA A 169 -5.67 22.26 22.22
N LEU A 170 -6.19 23.15 21.35
CA LEU A 170 -7.50 23.79 21.48
C LEU A 170 -8.67 22.82 21.21
N GLY A 171 -8.36 21.60 20.77
CA GLY A 171 -9.34 20.56 20.51
C GLY A 171 -9.69 20.36 19.05
N THR A 172 -8.97 21.04 18.13
CA THR A 172 -9.23 20.92 16.70
C THR A 172 -8.91 19.50 16.25
N PRO A 173 -9.83 18.78 15.57
CA PRO A 173 -9.48 17.44 15.06
C PRO A 173 -8.30 17.54 14.07
N ARG A 174 -7.42 16.51 14.05
CA ARG A 174 -6.24 16.49 13.17
C ARG A 174 -6.56 16.79 11.71
N ASP A 175 -7.71 16.29 11.21
CA ASP A 175 -8.09 16.50 9.81
C ASP A 175 -8.66 17.91 9.54
N LYS A 176 -8.79 18.75 10.58
CA LYS A 176 -9.35 20.11 10.49
C LYS A 176 -8.34 21.22 10.91
N VAL A 177 -7.08 20.86 11.20
CA VAL A 177 -6.07 21.83 11.61
C VAL A 177 -6.07 23.09 10.74
N TYR A 178 -5.99 22.90 9.42
CA TYR A 178 -5.84 24.01 8.49
C TYR A 178 -7.15 24.67 8.13
N GLU A 179 -8.28 24.00 8.38
CA GLU A 179 -9.60 24.61 8.21
C GLU A 179 -9.76 25.62 9.36
N PHE A 180 -9.32 25.23 10.58
CA PHE A 180 -9.35 26.07 11.78
C PHE A 180 -8.45 27.29 11.59
N LEU A 181 -7.22 27.08 11.05
CA LEU A 181 -6.25 28.16 10.80
C LEU A 181 -6.54 28.97 9.53
N SER A 182 -7.58 28.59 8.75
CA SER A 182 -7.97 29.28 7.51
C SER A 182 -8.59 30.66 7.80
N THR A 183 -9.11 30.87 9.04
CA THR A 183 -9.75 32.13 9.46
C THR A 183 -8.83 32.94 10.39
N GLU A 184 -9.10 34.26 10.51
CA GLU A 184 -8.39 35.20 11.40
C GLU A 184 -8.63 34.80 12.87
N GLU A 185 -9.89 34.42 13.22
CA GLU A 185 -10.31 33.98 14.55
C GLU A 185 -9.46 32.80 15.03
N GLY A 186 -9.34 31.78 14.18
CA GLY A 186 -8.57 30.57 14.47
C GLY A 186 -7.08 30.83 14.65
N ARG A 187 -6.51 31.67 13.78
CA ARG A 187 -5.11 32.07 13.81
C ARG A 187 -4.76 32.83 15.08
N LYS A 188 -5.66 33.72 15.53
CA LYS A 188 -5.49 34.50 16.75
C LYS A 188 -5.61 33.63 18.01
N ALA A 189 -6.56 32.68 18.00
CA ALA A 189 -6.78 31.77 19.14
C ALA A 189 -5.56 30.86 19.34
N ALA A 190 -4.94 30.42 18.24
CA ALA A 190 -3.76 29.55 18.25
C ALA A 190 -2.58 30.30 18.89
N ILE A 191 -2.40 31.58 18.53
CA ILE A 191 -1.35 32.45 19.10
C ILE A 191 -1.64 32.73 20.59
N ALA A 192 -2.93 32.91 20.95
CA ALA A 192 -3.35 33.11 22.34
C ALA A 192 -3.01 31.88 23.20
N LYS A 193 -3.19 30.68 22.63
CA LYS A 193 -2.89 29.40 23.29
C LYS A 193 -1.38 29.27 23.53
N LEU A 194 -0.56 29.65 22.54
CA LEU A 194 0.90 29.62 22.65
C LEU A 194 1.37 30.63 23.71
N THR A 195 0.72 31.80 23.76
CA THR A 195 0.99 32.86 24.74
C THR A 195 0.73 32.33 26.16
N GLU A 196 -0.38 31.61 26.34
CA GLU A 196 -0.78 30.99 27.62
C GLU A 196 0.30 29.98 28.09
N LEU A 197 0.85 29.20 27.15
CA LEU A 197 1.86 28.18 27.47
C LEU A 197 3.25 28.79 27.71
N ALA A 198 3.58 29.88 26.98
CA ALA A 198 4.89 30.54 26.99
C ALA A 198 5.60 30.64 28.39
N PRO A 199 4.94 30.99 29.53
CA PRO A 199 5.68 31.03 30.81
C PRO A 199 6.25 29.69 31.27
N SER A 200 5.70 28.55 30.76
CA SER A 200 6.18 27.21 31.08
C SER A 200 7.22 26.71 30.08
N VAL A 201 7.55 27.55 29.05
CA VAL A 201 8.54 27.19 28.03
C VAL A 201 9.91 27.66 28.52
N SER A 202 10.75 26.72 28.98
CA SER A 202 12.09 27.01 29.51
C SER A 202 13.11 27.34 28.43
N VAL A 203 12.95 26.76 27.23
CA VAL A 203 13.91 26.95 26.14
C VAL A 203 13.19 26.91 24.80
N TRP A 204 13.54 27.86 23.90
CA TRP A 204 13.04 27.90 22.54
C TRP A 204 14.23 27.38 21.73
N TRP A 205 14.24 26.04 21.50
CA TRP A 205 15.37 25.40 20.84
C TRP A 205 15.52 25.86 19.40
N GLU A 206 16.76 25.94 18.92
CA GLU A 206 17.05 26.48 17.58
C GLU A 206 17.48 25.44 16.55
N SER A 207 18.12 24.35 16.98
CA SER A 207 18.59 23.33 16.06
C SER A 207 18.21 21.96 16.57
N GLY A 208 18.16 20.98 15.67
CA GLY A 208 17.86 19.60 16.03
C GLY A 208 18.89 19.05 17.00
N ALA A 209 20.20 19.39 16.78
CA ALA A 209 21.25 18.91 17.68
C ALA A 209 21.06 19.50 19.09
N GLN A 210 20.69 20.78 19.19
CA GLN A 210 20.44 21.39 20.48
C GLN A 210 19.27 20.68 21.18
N ALA A 211 18.20 20.39 20.43
CA ALA A 211 17.02 19.68 20.98
C ALA A 211 17.45 18.30 21.51
N ALA A 212 18.24 17.56 20.72
CA ALA A 212 18.74 16.24 21.11
C ALA A 212 19.59 16.37 22.41
N GLN A 213 20.40 17.45 22.53
CA GLN A 213 21.24 17.65 23.72
C GLN A 213 20.37 17.94 24.96
N LEU A 214 19.32 18.76 24.80
CA LEU A 214 18.37 19.05 25.91
C LEU A 214 17.79 17.73 26.44
N ILE A 215 17.44 16.83 25.52
CA ILE A 215 16.87 15.50 25.81
C ILE A 215 17.90 14.62 26.52
N LYS A 216 19.12 14.54 25.96
CA LYS A 216 20.19 13.74 26.58
C LYS A 216 20.53 14.23 28.00
N ASP A 217 20.51 15.56 28.24
CA ASP A 217 20.85 16.10 29.56
C ASP A 217 19.64 16.11 30.52
N GLY A 218 18.47 15.75 30.03
CA GLY A 218 17.22 15.80 30.80
C GLY A 218 16.91 17.22 31.26
N GLU A 219 17.29 18.24 30.47
CA GLU A 219 17.14 19.66 30.82
C GLU A 219 15.72 20.18 30.64
N VAL A 220 14.87 19.42 29.94
CA VAL A 220 13.46 19.73 29.73
C VAL A 220 12.61 18.57 30.21
N ASP A 221 11.31 18.80 30.46
CA ASP A 221 10.40 17.73 30.87
C ASP A 221 9.65 17.18 29.68
N MET A 222 9.39 18.03 28.70
CA MET A 222 8.71 17.62 27.47
C MET A 222 9.14 18.59 26.38
N ILE A 223 9.07 18.13 25.12
CA ILE A 223 9.56 18.92 23.98
C ILE A 223 8.83 18.52 22.73
N ILE A 224 8.57 19.50 21.86
CA ILE A 224 8.09 19.23 20.52
C ILE A 224 9.31 19.42 19.63
N THR A 225 9.76 18.32 19.00
CA THR A 225 10.90 18.38 18.08
C THR A 225 10.78 17.23 17.06
N TRP A 226 11.81 17.07 16.23
CA TRP A 226 11.84 16.12 15.13
C TRP A 226 12.21 14.71 15.58
N GLY A 227 11.44 13.73 15.10
CA GLY A 227 11.55 12.32 15.47
C GLY A 227 12.94 11.73 15.42
N GLY A 228 13.70 12.07 14.36
CA GLY A 228 15.06 11.56 14.20
C GLY A 228 15.99 12.05 15.30
N ARG A 229 15.84 13.32 15.67
CA ARG A 229 16.64 13.93 16.76
C ARG A 229 16.31 13.24 18.08
N VAL A 230 15.01 12.97 18.31
CA VAL A 230 14.55 12.33 19.55
C VAL A 230 15.09 10.89 19.63
N GLN A 231 14.87 10.09 18.57
CA GLN A 231 15.33 8.71 18.57
C GLN A 231 16.86 8.62 18.76
N GLY A 232 17.59 9.53 18.11
CA GLY A 232 19.05 9.62 18.23
C GLY A 232 19.48 9.90 19.67
N ALA A 233 18.76 10.77 20.39
CA ALA A 233 19.06 11.07 21.80
C ALA A 233 18.79 9.83 22.68
N ILE A 234 17.65 9.14 22.44
CA ILE A 234 17.29 7.92 23.18
C ILE A 234 18.37 6.84 22.92
N ASN A 235 18.80 6.69 21.64
CA ASN A 235 19.86 5.72 21.29
C ASN A 235 21.17 6.02 22.06
N ASP A 236 21.40 7.31 22.32
CA ASP A 236 22.56 7.81 23.06
C ASP A 236 22.39 7.74 24.59
N GLY A 237 21.30 7.13 25.04
CA GLY A 237 21.02 6.92 26.45
C GLY A 237 20.00 7.82 27.12
N ALA A 238 19.34 8.76 26.38
CA ALA A 238 18.35 9.64 27.01
C ALA A 238 17.15 8.83 27.53
N ASN A 239 16.70 9.13 28.76
CA ASN A 239 15.59 8.45 29.39
C ASN A 239 14.29 9.19 29.04
N PHE A 240 13.97 9.19 27.72
CA PHE A 240 12.80 9.82 27.16
C PHE A 240 11.97 8.84 26.39
N ALA A 241 10.71 9.19 26.19
CA ALA A 241 9.78 8.41 25.39
C ALA A 241 9.11 9.39 24.47
N TYR A 242 8.46 8.88 23.43
CA TYR A 242 7.75 9.75 22.49
C TYR A 242 6.60 9.02 21.87
N THR A 243 5.74 9.78 21.18
CA THR A 243 4.57 9.23 20.48
C THR A 243 4.45 9.95 19.14
N PHE A 244 3.79 9.30 18.17
CA PHE A 244 3.47 9.94 16.89
C PHE A 244 2.06 10.57 16.98
N ASN A 245 1.32 10.35 18.12
CA ASN A 245 -0.02 10.93 18.25
C ASN A 245 0.06 12.45 18.18
N ASP A 246 -0.76 13.07 17.30
CA ASP A 246 -0.78 14.53 17.07
C ASP A 246 0.51 15.07 16.43
N ALA A 247 1.36 14.19 15.89
CA ALA A 247 2.58 14.68 15.25
C ALA A 247 2.25 15.23 13.84
N GLN A 248 3.09 16.13 13.34
CA GLN A 248 2.93 16.68 12.01
C GLN A 248 3.89 15.92 11.08
N LEU A 249 3.33 15.37 9.98
CA LEU A 249 4.12 14.63 8.98
C LEU A 249 4.68 15.66 8.02
N GLY A 250 6.00 15.85 8.08
CA GLY A 250 6.69 16.83 7.26
C GLY A 250 7.42 16.21 6.10
N THR A 251 7.89 17.07 5.20
CA THR A 251 8.69 16.70 4.05
C THR A 251 9.87 17.64 3.94
N ASP A 252 11.08 17.09 3.88
CA ASP A 252 12.29 17.90 3.67
C ASP A 252 12.74 17.62 2.25
N GLY A 253 13.52 18.54 1.70
CA GLY A 253 14.01 18.37 0.36
C GLY A 253 15.05 19.39 0.01
N TYR A 254 15.42 19.43 -1.27
CA TYR A 254 16.50 20.27 -1.77
C TYR A 254 16.04 21.29 -2.78
N ALA A 255 16.70 22.46 -2.77
CA ALA A 255 16.48 23.55 -3.71
C ALA A 255 17.86 24.12 -4.06
N ILE A 256 17.95 24.81 -5.19
CA ILE A 256 19.20 25.46 -5.61
C ILE A 256 19.01 26.95 -5.45
N VAL A 257 19.96 27.62 -4.77
CA VAL A 257 19.91 29.05 -4.48
C VAL A 257 20.00 29.88 -5.77
N LYS A 258 19.11 30.89 -5.92
CA LYS A 258 19.11 31.80 -7.08
C LYS A 258 20.49 32.47 -7.15
N GLY A 259 21.15 32.31 -8.30
CA GLY A 259 22.48 32.86 -8.52
C GLY A 259 23.60 31.99 -7.96
N ALA A 260 23.29 30.69 -7.69
CA ALA A 260 24.24 29.70 -7.16
C ALA A 260 25.53 29.74 -8.01
N PRO A 261 26.73 29.86 -7.39
CA PRO A 261 27.96 29.96 -8.20
C PRO A 261 28.29 28.73 -9.05
N HIS A 262 27.86 27.55 -8.61
CA HIS A 262 28.10 26.28 -9.30
C HIS A 262 26.76 25.65 -9.65
N ARG A 263 25.83 26.49 -10.17
CA ARG A 263 24.44 26.14 -10.51
C ARG A 263 24.30 24.84 -11.33
N ASP A 264 25.05 24.71 -12.45
CA ASP A 264 24.97 23.54 -13.34
C ASP A 264 25.48 22.24 -12.69
N ALA A 265 26.64 22.28 -12.00
CA ALA A 265 27.18 21.12 -11.29
C ALA A 265 26.22 20.70 -10.15
N ALA A 266 25.63 21.69 -9.46
CA ALA A 266 24.67 21.48 -8.39
C ALA A 266 23.41 20.73 -8.90
N MET A 267 22.94 21.08 -10.12
CA MET A 267 21.79 20.43 -10.76
C MET A 267 22.08 18.93 -10.97
N ARG A 268 23.28 18.59 -11.50
CA ARG A 268 23.72 17.21 -11.75
C ARG A 268 23.81 16.45 -10.43
N PHE A 269 24.36 17.10 -9.40
CA PHE A 269 24.56 16.54 -8.06
C PHE A 269 23.22 16.21 -7.41
N LEU A 270 22.25 17.15 -7.48
CA LEU A 270 20.90 16.96 -6.97
C LEU A 270 20.17 15.83 -7.70
N LYS A 271 20.30 15.73 -9.03
CA LYS A 271 19.67 14.66 -9.82
C LYS A 271 20.22 13.30 -9.34
N GLU A 272 21.56 13.19 -9.25
CA GLU A 272 22.21 11.97 -8.80
C GLU A 272 21.79 11.55 -7.37
N MET A 273 21.93 12.46 -6.38
CA MET A 273 21.62 12.13 -4.98
C MET A 273 20.13 11.77 -4.71
N SER A 274 19.22 12.15 -5.64
CA SER A 274 17.78 11.86 -5.51
C SER A 274 17.44 10.41 -5.89
N LYS A 275 18.41 9.70 -6.49
CA LYS A 275 18.25 8.31 -6.96
C LYS A 275 17.95 7.33 -5.83
N ALA A 276 17.16 6.28 -6.14
CA ALA A 276 16.74 5.22 -5.20
C ALA A 276 17.93 4.51 -4.52
N GLU A 277 19.03 4.28 -5.29
CA GLU A 277 20.27 3.63 -4.84
C GLU A 277 20.96 4.35 -3.67
N TYR A 278 20.73 5.67 -3.53
CA TYR A 278 21.27 6.48 -2.43
C TYR A 278 20.23 6.63 -1.34
N GLN A 279 18.98 6.94 -1.73
CA GLN A 279 17.83 7.12 -0.84
C GLN A 279 17.61 5.92 0.10
N LYS A 280 17.87 4.68 -0.40
CA LYS A 280 17.72 3.45 0.40
C LYS A 280 18.56 3.46 1.68
N ASP A 281 19.73 4.14 1.67
CA ASP A 281 20.67 4.21 2.80
C ASP A 281 20.41 5.34 3.79
N LEU A 282 19.55 6.29 3.42
CA LEU A 282 19.25 7.44 4.28
C LEU A 282 18.86 7.06 5.73
N PRO A 283 18.03 6.00 6.00
CA PRO A 283 17.69 5.69 7.39
C PRO A 283 18.57 4.63 8.06
N ASN A 284 19.77 4.33 7.50
CA ASN A 284 20.65 3.27 8.04
C ASN A 284 20.91 3.38 9.55
N SER A 285 21.12 4.59 10.04
CA SER A 285 21.28 4.78 11.48
C SER A 285 20.28 5.83 11.98
N PHE A 286 20.13 6.93 11.22
CA PHE A 286 19.24 8.05 11.58
C PHE A 286 17.78 7.73 11.28
N ALA A 287 16.88 8.01 12.24
CA ALA A 287 15.47 7.70 12.10
C ALA A 287 14.76 8.73 11.20
N THR A 288 14.80 8.46 9.90
CA THR A 288 14.11 9.25 8.87
C THR A 288 13.44 8.27 7.89
N ALA A 289 12.69 8.79 6.89
CA ALA A 289 12.01 7.98 5.90
C ALA A 289 12.36 8.50 4.52
N PRO A 290 12.90 7.67 3.60
CA PRO A 290 13.22 8.18 2.25
C PRO A 290 11.97 8.63 1.50
N ALA A 291 12.09 9.64 0.62
CA ALA A 291 10.93 10.13 -0.15
C ALA A 291 10.78 9.36 -1.47
N ASN A 292 11.88 8.83 -2.01
CA ASN A 292 11.84 8.06 -3.26
C ASN A 292 11.25 6.66 -2.98
N MET A 293 10.03 6.41 -3.48
CA MET A 293 9.27 5.17 -3.33
C MET A 293 10.07 3.93 -3.75
N LYS A 294 10.93 4.07 -4.77
CA LYS A 294 11.78 2.99 -5.27
C LYS A 294 12.82 2.52 -4.23
N ALA A 295 13.23 3.38 -3.28
CA ALA A 295 14.20 3.03 -2.23
C ALA A 295 13.68 1.88 -1.32
N TYR A 296 12.36 1.83 -1.07
CA TYR A 296 11.71 0.81 -0.24
C TYR A 296 11.84 -0.60 -0.85
N ASP A 297 11.73 -0.70 -2.19
CA ASP A 297 11.86 -1.95 -2.96
C ASP A 297 13.29 -2.47 -2.86
N LEU A 298 14.28 -1.56 -2.86
CA LEU A 298 15.72 -1.91 -2.78
C LEU A 298 16.20 -2.29 -1.39
N ALA A 299 15.77 -1.54 -0.35
CA ALA A 299 16.23 -1.74 1.03
C ALA A 299 15.48 -2.82 1.83
N LYS A 300 14.18 -3.04 1.53
CA LYS A 300 13.30 -4.02 2.18
C LYS A 300 13.34 -3.92 3.72
N TYR A 301 13.10 -2.70 4.27
CA TYR A 301 13.13 -2.39 5.71
C TYR A 301 12.28 -3.35 6.55
N THR A 302 12.82 -3.77 7.71
CA THR A 302 12.13 -4.67 8.66
C THR A 302 10.96 -3.92 9.34
N PRO A 303 9.87 -4.60 9.81
CA PRO A 303 8.77 -3.86 10.46
C PRO A 303 9.21 -3.01 11.66
N GLU A 304 10.27 -3.42 12.36
CA GLU A 304 10.86 -2.71 13.50
C GLU A 304 11.44 -1.37 13.00
N LYS A 305 12.12 -1.40 11.82
CA LYS A 305 12.70 -0.22 11.16
C LYS A 305 11.60 0.73 10.69
N MET A 306 10.51 0.18 10.09
CA MET A 306 9.36 0.95 9.62
C MET A 306 8.64 1.68 10.76
N ALA A 307 8.56 1.07 11.96
CA ALA A 307 7.89 1.62 13.14
C ALA A 307 8.40 3.00 13.57
N THR A 308 9.68 3.30 13.30
CA THR A 308 10.30 4.59 13.62
C THR A 308 10.08 5.60 12.48
N MET A 309 9.61 5.13 11.31
CA MET A 309 9.41 5.98 10.13
C MET A 309 8.13 6.77 10.19
N ALA A 310 8.26 8.09 9.96
CA ALA A 310 7.15 9.03 9.95
C ALA A 310 6.04 8.62 9.01
N SER A 311 6.42 8.03 7.87
CA SER A 311 5.50 7.65 6.79
C SER A 311 4.96 6.22 6.88
N ALA A 312 5.27 5.46 7.96
CA ALA A 312 4.75 4.11 8.12
C ALA A 312 3.23 4.21 8.33
N PRO A 313 2.41 3.32 7.71
CA PRO A 313 0.95 3.45 7.82
C PRO A 313 0.42 3.65 9.24
N GLU A 314 0.91 2.85 10.21
CA GLU A 314 0.46 2.96 11.60
C GLU A 314 0.76 4.31 12.23
N ASN A 315 1.86 4.97 11.78
CA ASN A 315 2.23 6.28 12.29
C ASN A 315 1.45 7.38 11.59
N VAL A 316 1.26 7.26 10.27
CA VAL A 316 0.48 8.25 9.53
C VAL A 316 -0.95 8.38 10.08
N ALA A 317 -1.56 7.24 10.49
CA ALA A 317 -2.93 7.19 11.01
C ALA A 317 -3.19 8.15 12.18
N VAL A 318 -2.15 8.49 12.97
CA VAL A 318 -2.32 9.37 14.14
C VAL A 318 -1.68 10.74 13.94
N GLN A 319 -1.26 11.03 12.69
CA GLN A 319 -0.64 12.29 12.31
C GLN A 319 -1.53 13.06 11.35
N TYR A 320 -1.10 14.27 11.00
CA TYR A 320 -1.74 15.07 9.95
C TYR A 320 -0.55 15.61 9.15
N SER A 321 -0.72 15.83 7.84
CA SER A 321 0.36 16.34 6.99
C SER A 321 0.47 17.86 7.05
N VAL A 322 1.72 18.38 6.99
CA VAL A 322 1.93 19.84 6.90
C VAL A 322 1.22 20.33 5.62
N ASP A 323 0.66 21.55 5.64
CA ASP A 323 0.01 22.08 4.46
C ASP A 323 0.81 23.26 3.93
N PRO A 324 1.61 23.05 2.87
CA PRO A 324 2.40 24.17 2.30
C PRO A 324 1.54 25.34 1.82
N ASN A 325 0.27 25.09 1.41
CA ASN A 325 -0.66 26.14 0.96
C ASN A 325 -0.96 27.13 2.10
N PHE A 326 -1.07 26.64 3.36
CA PHE A 326 -1.28 27.50 4.52
C PHE A 326 -0.05 28.41 4.68
N TRP A 327 1.14 27.79 4.68
CA TRP A 327 2.41 28.49 4.85
C TRP A 327 2.72 29.44 3.69
N ALA A 328 2.20 29.16 2.49
CA ALA A 328 2.36 30.06 1.33
C ALA A 328 1.64 31.40 1.60
N LYS A 329 0.52 31.33 2.30
CA LYS A 329 -0.33 32.48 2.56
C LYS A 329 -0.03 33.20 3.89
N HIS A 330 0.30 32.46 4.97
CA HIS A 330 0.43 33.08 6.30
C HIS A 330 1.79 33.02 6.96
N ALA A 331 2.86 32.60 6.25
CA ALA A 331 4.21 32.53 6.82
C ALA A 331 4.69 33.83 7.46
N LYS A 332 4.49 34.98 6.78
CA LYS A 332 4.90 36.29 7.30
C LYS A 332 4.16 36.62 8.61
N TRP A 333 2.82 36.42 8.64
CA TRP A 333 2.01 36.63 9.84
C TRP A 333 2.54 35.72 10.96
N ALA A 334 2.69 34.42 10.65
CA ALA A 334 3.14 33.40 11.59
C ALA A 334 4.50 33.70 12.20
N SER A 335 5.48 34.11 11.37
CA SER A 335 6.83 34.47 11.84
C SER A 335 6.80 35.61 12.87
N GLU A 336 6.14 36.74 12.52
CA GLU A 336 6.02 37.90 13.39
C GLU A 336 5.25 37.61 14.69
N ALA A 337 4.05 36.98 14.60
CA ALA A 337 3.25 36.67 15.77
C ALA A 337 3.97 35.70 16.73
N TYR A 338 4.65 34.68 16.17
CA TYR A 338 5.38 33.69 16.99
C TYR A 338 6.64 34.33 17.63
N ASP A 339 7.31 35.25 16.91
CA ASP A 339 8.43 36.04 17.46
C ASP A 339 7.96 36.74 18.74
N ASN A 340 6.74 37.33 18.71
CA ASN A 340 6.18 38.04 19.85
C ASN A 340 5.85 37.13 21.03
N VAL A 341 5.34 35.91 20.76
CA VAL A 341 5.09 34.91 21.80
C VAL A 341 6.39 34.60 22.56
N ARG A 342 7.50 34.37 21.85
CA ARG A 342 8.76 34.00 22.50
C ARG A 342 9.43 35.19 23.16
N LEU A 343 9.18 36.41 22.63
CA LEU A 343 9.73 37.67 23.14
C LEU A 343 8.89 38.14 24.34
N SER A 344 7.70 37.53 24.56
CA SER A 344 6.84 37.91 25.69
C SER A 344 7.46 37.48 27.03
N ARG A 345 8.25 36.39 27.01
CA ARG A 345 8.92 35.75 28.15
C ARG A 345 7.95 35.30 29.24
N HIS B 20 -19.28 2.47 9.45
CA HIS B 20 -18.41 1.93 10.49
C HIS B 20 -19.02 0.67 11.16
N MET B 21 -20.34 0.44 11.00
CA MET B 21 -21.08 -0.69 11.60
C MET B 21 -21.41 -1.86 10.62
N ASP B 22 -21.14 -1.70 9.32
CA ASP B 22 -21.45 -2.74 8.35
C ASP B 22 -20.37 -3.82 8.32
N VAL B 23 -20.78 -5.08 8.09
CA VAL B 23 -19.81 -6.15 7.83
C VAL B 23 -19.31 -5.87 6.40
N VAL B 24 -17.99 -5.97 6.16
CA VAL B 24 -17.46 -5.70 4.82
C VAL B 24 -17.12 -7.03 4.16
N ILE B 25 -17.73 -7.30 2.98
CA ILE B 25 -17.48 -8.54 2.24
C ILE B 25 -16.91 -8.21 0.86
N ALA B 26 -15.88 -8.97 0.42
CA ALA B 26 -15.27 -8.67 -0.86
C ALA B 26 -15.05 -9.90 -1.73
N SER B 27 -15.37 -9.76 -3.03
CA SER B 27 -15.07 -10.83 -4.00
C SER B 27 -14.39 -10.14 -5.21
N SER B 28 -14.46 -10.71 -6.41
CA SER B 28 -13.72 -10.21 -7.55
C SER B 28 -14.54 -9.43 -8.61
N GLY B 29 -15.74 -9.00 -8.24
CA GLY B 29 -16.59 -8.16 -9.08
C GLY B 29 -17.31 -8.89 -10.20
N GLY B 30 -17.98 -8.11 -11.05
CA GLY B 30 -18.69 -8.64 -12.21
C GLY B 30 -19.81 -9.61 -11.87
N GLY B 31 -20.13 -10.47 -12.85
CA GLY B 31 -21.20 -11.45 -12.76
C GLY B 31 -21.13 -12.37 -11.57
N TRP B 32 -19.90 -12.77 -11.20
CA TRP B 32 -19.67 -13.66 -10.07
C TRP B 32 -20.03 -12.97 -8.75
N GLN B 33 -19.59 -11.72 -8.56
CA GLN B 33 -19.93 -10.97 -7.32
C GLN B 33 -21.42 -10.70 -7.24
N GLU B 34 -22.03 -10.37 -8.40
CA GLU B 34 -23.49 -10.14 -8.48
C GLU B 34 -24.28 -11.41 -8.10
N ALA B 35 -23.81 -12.60 -8.54
CA ALA B 35 -24.45 -13.86 -8.22
C ALA B 35 -24.37 -14.12 -6.70
N GLN B 36 -23.20 -13.91 -6.09
CA GLN B 36 -23.02 -14.10 -4.65
C GLN B 36 -23.91 -13.11 -3.88
N ASP B 37 -23.93 -11.85 -4.31
CA ASP B 37 -24.75 -10.84 -3.63
C ASP B 37 -26.25 -11.20 -3.66
N LYS B 38 -26.75 -11.63 -4.83
CA LYS B 38 -28.17 -11.97 -4.99
C LYS B 38 -28.59 -13.24 -4.27
N ALA B 39 -27.82 -14.32 -4.45
CA ALA B 39 -28.14 -15.63 -3.89
C ALA B 39 -27.78 -15.81 -2.43
N LEU B 40 -26.67 -15.19 -1.99
CA LEU B 40 -26.13 -15.44 -0.65
C LEU B 40 -26.14 -14.26 0.30
N TRP B 41 -25.46 -13.16 -0.04
CA TRP B 41 -25.27 -12.01 0.86
C TRP B 41 -26.57 -11.28 1.20
N ALA B 42 -27.31 -10.76 0.20
CA ALA B 42 -28.59 -10.08 0.47
C ALA B 42 -29.61 -10.97 1.24
N PRO B 43 -29.91 -12.24 0.87
CA PRO B 43 -30.88 -13.00 1.69
C PRO B 43 -30.36 -13.40 3.08
N ALA B 44 -29.06 -13.79 3.21
CA ALA B 44 -28.50 -14.15 4.52
C ALA B 44 -28.50 -12.95 5.48
N ALA B 45 -28.14 -11.75 4.97
CA ALA B 45 -28.13 -10.51 5.75
C ALA B 45 -29.55 -10.11 6.17
N LYS B 46 -30.55 -10.39 5.31
CA LYS B 46 -31.97 -10.11 5.59
C LYS B 46 -32.45 -11.02 6.75
N ALA B 47 -32.11 -12.33 6.67
CA ALA B 47 -32.46 -13.32 7.69
C ALA B 47 -31.83 -13.03 9.07
N LEU B 48 -30.60 -12.50 9.08
CA LEU B 48 -29.89 -12.18 10.32
C LEU B 48 -30.18 -10.76 10.79
N ASN B 49 -30.86 -10.19 10.07
CA ASN B 49 -31.25 -8.78 10.21
C ASN B 49 -30.00 -7.89 10.38
N ILE B 50 -28.99 -7.88 9.50
CA ILE B 50 -27.70 -7.18 9.55
C ILE B 50 -27.49 -6.37 8.26
N THR B 51 -26.59 -5.38 8.29
CA THR B 51 -26.24 -4.55 7.13
C THR B 51 -24.82 -4.87 6.71
N TYR B 52 -24.57 -4.83 5.40
CA TYR B 52 -23.24 -5.12 4.88
C TYR B 52 -22.85 -4.17 3.75
N THR B 53 -21.53 -4.04 3.53
CA THR B 53 -20.91 -3.23 2.50
C THR B 53 -20.09 -4.18 1.62
N GLN B 54 -20.13 -3.96 0.30
CA GLN B 54 -19.33 -4.78 -0.63
C GLN B 54 -18.05 -4.04 -1.04
N ASP B 55 -17.01 -4.82 -1.38
CA ASP B 55 -15.79 -4.30 -1.98
C ASP B 55 -15.34 -5.33 -3.02
N THR B 56 -14.34 -4.99 -3.86
CA THR B 56 -13.85 -5.93 -4.87
C THR B 56 -12.33 -5.93 -4.84
N PHE B 57 -11.72 -7.08 -5.18
CA PHE B 57 -10.25 -7.23 -5.25
C PHE B 57 -9.96 -8.45 -6.13
N GLN B 58 -8.74 -8.52 -6.63
CA GLN B 58 -8.35 -9.63 -7.51
C GLN B 58 -7.27 -10.52 -6.92
N ASN B 59 -6.37 -9.95 -6.11
CA ASN B 59 -5.20 -10.67 -5.60
C ASN B 59 -5.22 -10.76 -4.08
N TRP B 60 -5.05 -12.00 -3.51
CA TRP B 60 -5.04 -12.24 -2.05
C TRP B 60 -4.04 -11.31 -1.34
N ALA B 61 -2.95 -10.90 -2.03
CA ALA B 61 -1.92 -10.03 -1.45
C ALA B 61 -2.49 -8.65 -1.03
N GLU B 62 -3.66 -8.25 -1.58
CA GLU B 62 -4.34 -7.01 -1.18
C GLU B 62 -4.87 -7.15 0.27
N ALA B 63 -5.34 -8.37 0.63
CA ALA B 63 -5.78 -8.65 2.00
C ALA B 63 -4.53 -8.65 2.92
N ARG B 64 -3.38 -9.20 2.42
CA ARG B 64 -2.11 -9.20 3.16
C ARG B 64 -1.66 -7.75 3.47
N ALA B 65 -1.76 -6.84 2.46
CA ALA B 65 -1.42 -5.41 2.63
C ALA B 65 -2.24 -4.74 3.73
N GLN B 66 -3.55 -5.07 3.87
CA GLN B 66 -4.37 -4.52 4.96
C GLN B 66 -3.86 -4.99 6.32
N VAL B 67 -3.49 -6.29 6.44
CA VAL B 67 -2.98 -6.88 7.69
C VAL B 67 -1.60 -6.25 8.04
N GLU B 68 -0.70 -6.13 7.04
CA GLU B 68 0.63 -5.53 7.16
C GLU B 68 0.54 -4.07 7.60
N SER B 69 -0.48 -3.36 7.10
CA SER B 69 -0.70 -1.93 7.39
C SER B 69 -1.16 -1.62 8.82
N GLY B 70 -1.78 -2.61 9.47
CA GLY B 70 -2.30 -2.47 10.83
C GLY B 70 -3.70 -1.88 10.89
N SER B 71 -4.31 -1.68 9.71
CA SER B 71 -5.66 -1.13 9.58
C SER B 71 -6.44 -2.04 8.65
N VAL B 72 -7.16 -3.00 9.24
CA VAL B 72 -7.95 -3.96 8.46
C VAL B 72 -9.36 -3.40 8.32
N THR B 73 -9.86 -3.28 7.07
CA THR B 73 -11.21 -2.79 6.80
C THR B 73 -12.14 -3.91 6.31
N TRP B 74 -11.58 -4.95 5.66
CA TRP B 74 -12.36 -6.08 5.17
C TRP B 74 -12.66 -7.08 6.27
N ASP B 75 -13.85 -7.67 6.24
CA ASP B 75 -14.23 -8.72 7.20
C ASP B 75 -14.14 -10.07 6.52
N ILE B 76 -15.01 -10.31 5.52
CA ILE B 76 -15.02 -11.54 4.76
C ILE B 76 -14.37 -11.31 3.38
N ILE B 77 -13.49 -12.24 2.99
CA ILE B 77 -12.89 -12.22 1.66
C ILE B 77 -13.20 -13.52 0.95
N GLN B 78 -13.55 -13.42 -0.32
CA GLN B 78 -13.76 -14.61 -1.15
C GLN B 78 -12.41 -14.86 -1.82
N ILE B 79 -11.81 -16.03 -1.55
CA ILE B 79 -10.53 -16.40 -2.14
C ILE B 79 -10.63 -17.76 -2.82
N GLY B 80 -9.61 -18.11 -3.59
CA GLY B 80 -9.52 -19.43 -4.21
C GLY B 80 -8.89 -20.39 -3.22
N ILE B 81 -9.33 -21.66 -3.24
CA ILE B 81 -8.82 -22.69 -2.34
C ILE B 81 -7.28 -22.81 -2.33
N ALA B 82 -6.63 -22.55 -3.50
CA ALA B 82 -5.18 -22.67 -3.62
C ALA B 82 -4.42 -21.45 -3.09
N ASP B 83 -5.12 -20.33 -2.77
CA ASP B 83 -4.48 -19.17 -2.13
C ASP B 83 -4.58 -19.29 -0.62
N GLU B 84 -5.49 -20.16 -0.12
CA GLU B 84 -5.72 -20.35 1.32
C GLU B 84 -4.42 -20.77 2.07
N PRO B 85 -3.60 -21.74 1.59
CA PRO B 85 -2.38 -22.08 2.37
C PRO B 85 -1.42 -20.91 2.56
N GLN B 86 -1.09 -20.16 1.47
CA GLN B 86 -0.15 -19.03 1.58
C GLN B 86 -0.73 -17.85 2.40
N ALA B 87 -2.06 -17.62 2.30
CA ALA B 87 -2.73 -16.56 3.08
C ALA B 87 -2.70 -16.91 4.57
N LYS B 88 -3.00 -18.19 4.91
CA LYS B 88 -2.97 -18.70 6.29
C LYS B 88 -1.54 -18.62 6.90
N ALA B 89 -0.53 -18.99 6.09
CA ALA B 89 0.90 -18.97 6.50
C ALA B 89 1.40 -17.54 6.74
N ALA B 90 0.90 -16.58 5.96
CA ALA B 90 1.26 -15.16 6.07
C ALA B 90 0.51 -14.45 7.21
N GLY B 91 -0.33 -15.18 7.95
CA GLY B 91 -1.11 -14.65 9.06
C GLY B 91 -2.21 -13.68 8.63
N VAL B 92 -2.79 -13.92 7.43
CA VAL B 92 -3.83 -13.05 6.86
C VAL B 92 -5.23 -13.54 7.25
N LEU B 93 -5.36 -14.81 7.71
CA LEU B 93 -6.67 -15.40 8.01
C LEU B 93 -6.98 -15.72 9.46
N GLU B 94 -8.20 -15.39 9.87
CA GLU B 94 -8.75 -15.73 11.18
C GLU B 94 -9.12 -17.21 11.17
N LYS B 95 -8.91 -17.92 12.28
CA LYS B 95 -9.35 -19.32 12.36
C LYS B 95 -10.87 -19.24 12.53
N LEU B 96 -11.61 -20.03 11.77
CA LEU B 96 -13.06 -20.00 11.85
C LEU B 96 -13.57 -20.79 13.05
N ASP B 97 -14.78 -20.48 13.54
CA ASP B 97 -15.43 -21.19 14.65
C ASP B 97 -15.51 -22.68 14.27
N PRO B 98 -15.38 -23.60 15.27
CA PRO B 98 -15.31 -25.03 14.95
C PRO B 98 -16.40 -25.62 14.05
N ASP B 99 -17.69 -25.41 14.36
CA ASP B 99 -18.77 -26.00 13.58
C ASP B 99 -19.50 -25.00 12.68
N ILE B 100 -18.72 -24.13 11.95
CA ILE B 100 -19.25 -23.14 11.00
C ILE B 100 -20.17 -23.84 9.99
N VAL B 101 -19.70 -24.99 9.48
CA VAL B 101 -20.46 -25.85 8.58
C VAL B 101 -20.22 -27.27 9.05
N ASN B 102 -21.04 -28.19 8.54
CA ASN B 102 -20.88 -29.62 8.74
C ASN B 102 -20.09 -30.05 7.50
N LYS B 103 -18.81 -30.46 7.69
CA LYS B 103 -17.91 -30.84 6.58
C LYS B 103 -18.48 -31.95 5.66
N ALA B 104 -19.39 -32.81 6.19
CA ALA B 104 -20.05 -33.88 5.42
C ALA B 104 -20.92 -33.33 4.26
N ASP B 105 -21.40 -32.07 4.39
CA ASP B 105 -22.21 -31.41 3.36
C ASP B 105 -21.38 -30.80 2.23
N PHE B 106 -20.04 -30.75 2.38
CA PHE B 106 -19.18 -30.13 1.37
C PHE B 106 -18.20 -31.12 0.75
N PRO B 107 -17.62 -30.84 -0.46
CA PRO B 107 -16.64 -31.79 -1.02
C PRO B 107 -15.46 -32.01 -0.07
N PRO B 108 -14.82 -33.22 -0.08
CA PRO B 108 -13.69 -33.44 0.82
C PRO B 108 -12.54 -32.47 0.53
N GLY B 109 -11.94 -31.93 1.58
CA GLY B 109 -10.85 -30.96 1.51
C GLY B 109 -11.27 -29.53 1.22
N SER B 110 -12.57 -29.30 0.91
CA SER B 110 -13.07 -27.96 0.55
C SER B 110 -13.35 -27.04 1.75
N VAL B 111 -13.23 -27.56 2.99
CA VAL B 111 -13.43 -26.79 4.20
C VAL B 111 -12.18 -26.98 5.07
N THR B 112 -11.47 -25.89 5.37
CA THR B 112 -10.26 -25.96 6.23
C THR B 112 -10.61 -25.24 7.54
N ASP B 113 -9.65 -25.11 8.48
CA ASP B 113 -9.89 -24.38 9.73
C ASP B 113 -10.03 -22.85 9.47
N SER B 114 -9.76 -22.39 8.23
CA SER B 114 -9.76 -20.96 7.87
C SER B 114 -10.52 -20.61 6.60
N PHE B 115 -11.24 -21.59 6.02
CA PHE B 115 -11.91 -21.39 4.73
C PHE B 115 -13.10 -22.31 4.60
N VAL B 116 -14.19 -21.77 4.06
CA VAL B 116 -15.43 -22.52 3.79
C VAL B 116 -15.75 -22.34 2.30
N ALA B 117 -15.76 -23.46 1.53
CA ALA B 117 -16.07 -23.42 0.10
C ALA B 117 -17.48 -22.87 -0.13
N ASN B 118 -17.65 -22.13 -1.25
CA ASN B 118 -18.98 -21.69 -1.64
C ASN B 118 -19.34 -22.23 -3.04
N SER B 119 -18.32 -22.69 -3.84
CA SER B 119 -18.59 -23.13 -5.21
C SER B 119 -17.42 -23.88 -5.84
N ASN B 120 -17.73 -24.60 -6.91
CA ASN B 120 -16.79 -25.19 -7.84
C ASN B 120 -16.97 -24.46 -9.17
N TYR B 121 -15.85 -24.29 -9.89
CA TYR B 121 -15.79 -23.63 -11.18
C TYR B 121 -14.68 -24.26 -12.01
N SER B 122 -14.57 -23.85 -13.27
CA SER B 122 -13.51 -24.37 -14.14
C SER B 122 -12.71 -23.23 -14.74
N THR B 123 -11.40 -23.46 -14.89
CA THR B 123 -10.48 -22.58 -15.61
C THR B 123 -10.34 -23.34 -16.93
N LEU B 124 -10.96 -22.82 -17.99
CA LEU B 124 -11.09 -23.55 -19.24
C LEU B 124 -10.71 -22.76 -20.49
N ILE B 125 -10.69 -23.44 -21.64
CA ILE B 125 -10.35 -22.88 -22.96
C ILE B 125 -11.62 -22.44 -23.67
N ALA B 126 -11.65 -21.20 -24.13
CA ALA B 126 -12.74 -20.68 -24.97
C ALA B 126 -12.11 -20.12 -26.22
N TRP B 127 -12.82 -20.19 -27.35
CA TRP B 127 -12.29 -19.67 -28.60
C TRP B 127 -13.31 -18.90 -29.36
N ASN B 128 -12.81 -18.03 -30.23
CA ASN B 128 -13.59 -17.15 -31.06
C ASN B 128 -14.07 -17.93 -32.30
N LYS B 129 -15.41 -18.07 -32.45
CA LYS B 129 -15.98 -18.79 -33.61
C LYS B 129 -15.83 -18.00 -34.92
N LYS B 130 -15.70 -16.67 -34.84
CA LYS B 130 -15.47 -15.89 -36.05
C LYS B 130 -14.09 -16.31 -36.60
N THR B 131 -13.11 -16.52 -35.73
CA THR B 131 -11.75 -16.87 -36.16
C THR B 131 -11.61 -18.31 -36.65
N TYR B 132 -12.06 -19.27 -35.84
CA TYR B 132 -11.86 -20.70 -36.06
C TYR B 132 -13.08 -21.51 -36.43
N GLY B 133 -14.27 -20.91 -36.30
CA GLY B 133 -15.52 -21.65 -36.53
C GLY B 133 -15.64 -22.72 -35.45
N ASP B 134 -16.17 -23.88 -35.83
CA ASP B 134 -16.29 -25.00 -34.90
C ASP B 134 -14.94 -25.70 -34.68
N ASN B 135 -13.96 -25.43 -35.56
CA ASN B 135 -12.65 -26.09 -35.51
C ASN B 135 -11.65 -25.28 -34.67
N GLY B 136 -12.03 -25.00 -33.44
CA GLY B 136 -11.20 -24.28 -32.49
C GLY B 136 -10.32 -25.21 -31.68
N PRO B 137 -9.46 -24.65 -30.80
CA PRO B 137 -8.62 -25.50 -29.93
C PRO B 137 -9.46 -26.26 -28.93
N LYS B 138 -9.24 -27.57 -28.80
CA LYS B 138 -10.04 -28.38 -27.89
C LYS B 138 -9.22 -29.07 -26.79
N SER B 139 -7.98 -28.61 -26.57
CA SER B 139 -7.02 -29.16 -25.60
C SER B 139 -5.95 -28.11 -25.33
N MET B 140 -5.13 -28.27 -24.25
CA MET B 140 -4.04 -27.33 -23.98
C MET B 140 -2.96 -27.42 -25.04
N ALA B 141 -2.70 -28.64 -25.58
CA ALA B 141 -1.72 -28.80 -26.66
C ALA B 141 -2.18 -27.88 -27.83
N ASP B 142 -3.48 -27.89 -28.17
CA ASP B 142 -4.05 -27.05 -29.24
C ASP B 142 -3.92 -25.57 -28.90
N PHE B 143 -4.22 -25.18 -27.65
CA PHE B 143 -4.12 -23.79 -27.20
C PHE B 143 -2.71 -23.25 -27.42
N PHE B 144 -1.68 -24.08 -27.12
CA PHE B 144 -0.28 -23.65 -27.22
C PHE B 144 0.29 -23.82 -28.63
N ASP B 145 -0.52 -24.38 -29.55
CA ASP B 145 -0.07 -24.64 -30.93
C ASP B 145 -0.37 -23.46 -31.84
N VAL B 146 0.58 -22.52 -31.93
CA VAL B 146 0.45 -21.29 -32.71
C VAL B 146 0.54 -21.57 -34.23
N LYS B 147 1.16 -22.69 -34.61
CA LYS B 147 1.22 -23.07 -36.01
C LYS B 147 -0.13 -23.61 -36.48
N LYS B 148 -0.75 -24.56 -35.74
CA LYS B 148 -2.04 -25.13 -36.12
C LYS B 148 -3.18 -24.15 -35.89
N PHE B 149 -3.10 -23.35 -34.80
CA PHE B 149 -4.11 -22.35 -34.47
C PHE B 149 -3.50 -20.96 -34.32
N PRO B 150 -3.15 -20.27 -35.43
CA PRO B 150 -2.60 -18.90 -35.29
C PRO B 150 -3.64 -17.98 -34.68
N GLY B 151 -3.19 -17.05 -33.88
CA GLY B 151 -4.10 -16.09 -33.29
C GLY B 151 -3.69 -15.55 -31.94
N LYS B 152 -4.45 -14.55 -31.50
CA LYS B 152 -4.23 -13.84 -30.25
C LYS B 152 -4.75 -14.65 -29.08
N ARG B 153 -3.87 -14.96 -28.13
CA ARG B 153 -4.18 -15.66 -26.88
C ARG B 153 -4.34 -14.67 -25.72
N ALA B 154 -5.18 -15.01 -24.73
CA ALA B 154 -5.27 -14.25 -23.50
C ALA B 154 -5.16 -15.23 -22.32
N LEU B 155 -4.25 -14.91 -21.37
CA LEU B 155 -4.06 -15.70 -20.16
C LEU B 155 -4.23 -14.79 -18.93
N TRP B 156 -4.46 -15.38 -17.76
CA TRP B 156 -4.62 -14.61 -16.52
C TRP B 156 -3.27 -13.98 -16.14
N ASN B 157 -3.29 -12.85 -15.40
CA ASN B 157 -2.03 -12.24 -14.95
C ASN B 157 -1.58 -12.85 -13.59
N GLN B 158 -2.33 -13.86 -13.10
CA GLN B 158 -1.98 -14.60 -11.89
C GLN B 158 -1.76 -16.07 -12.28
N PRO B 159 -0.93 -16.84 -11.55
CA PRO B 159 -0.50 -18.17 -12.08
C PRO B 159 -1.36 -19.40 -11.86
N ILE B 160 -2.32 -19.41 -10.90
CA ILE B 160 -3.14 -20.61 -10.65
C ILE B 160 -3.92 -21.01 -11.92
N GLY B 161 -3.65 -22.21 -12.40
CA GLY B 161 -4.26 -22.74 -13.62
C GLY B 161 -3.41 -22.50 -14.85
N MET B 162 -2.57 -21.47 -14.83
CA MET B 162 -1.68 -21.09 -15.94
C MET B 162 -0.42 -21.97 -16.02
N ILE B 163 0.23 -22.23 -14.86
CA ILE B 163 1.42 -23.10 -14.79
C ILE B 163 1.02 -24.51 -15.22
N GLU B 164 -0.11 -25.00 -14.67
CA GLU B 164 -0.64 -26.33 -14.96
C GLU B 164 -1.02 -26.47 -16.44
N ALA B 165 -1.55 -25.38 -17.05
CA ALA B 165 -1.93 -25.36 -18.49
C ALA B 165 -0.70 -25.69 -19.33
N ALA B 166 0.46 -25.10 -19.00
CA ALA B 166 1.72 -25.33 -19.68
C ALA B 166 2.18 -26.79 -19.52
N ALA B 167 2.05 -27.36 -18.28
CA ALA B 167 2.39 -28.76 -18.02
C ALA B 167 1.55 -29.67 -18.92
N LEU B 168 0.22 -29.41 -19.02
CA LEU B 168 -0.68 -30.19 -19.91
C LEU B 168 -0.30 -30.06 -21.40
N ALA B 169 0.03 -28.83 -21.84
CA ALA B 169 0.47 -28.55 -23.21
C ALA B 169 1.73 -29.36 -23.60
N LEU B 170 2.61 -29.60 -22.62
CA LEU B 170 3.84 -30.38 -22.78
C LEU B 170 3.57 -31.89 -22.96
N GLY B 171 2.32 -32.30 -22.79
CA GLY B 171 1.91 -33.69 -22.96
C GLY B 171 1.70 -34.45 -21.67
N THR B 172 1.74 -33.74 -20.52
CA THR B 172 1.55 -34.36 -19.22
C THR B 172 0.10 -34.85 -19.10
N PRO B 173 -0.15 -36.14 -18.78
CA PRO B 173 -1.54 -36.58 -18.60
C PRO B 173 -2.20 -35.80 -17.45
N ARG B 174 -3.52 -35.52 -17.56
CA ARG B 174 -4.27 -34.75 -16.55
C ARG B 174 -4.09 -35.29 -15.13
N ASP B 175 -4.00 -36.62 -14.97
CA ASP B 175 -3.83 -37.23 -13.65
C ASP B 175 -2.38 -37.13 -13.10
N LYS B 176 -1.44 -36.54 -13.88
CA LYS B 176 -0.02 -36.45 -13.53
C LYS B 176 0.52 -35.00 -13.45
N VAL B 177 -0.37 -34.00 -13.67
CA VAL B 177 -0.03 -32.57 -13.66
C VAL B 177 0.92 -32.18 -12.51
N TYR B 178 0.55 -32.52 -11.28
CA TYR B 178 1.30 -32.12 -10.10
C TYR B 178 2.49 -33.03 -9.79
N GLU B 179 2.49 -34.25 -10.33
CA GLU B 179 3.66 -35.13 -10.19
C GLU B 179 4.75 -34.51 -11.08
N PHE B 180 4.36 -33.99 -12.28
CA PHE B 180 5.29 -33.36 -13.22
C PHE B 180 5.86 -32.08 -12.61
N LEU B 181 4.99 -31.25 -12.00
CA LEU B 181 5.35 -29.98 -11.38
C LEU B 181 6.04 -30.12 -10.02
N SER B 182 6.19 -31.35 -9.49
CA SER B 182 6.83 -31.57 -8.19
C SER B 182 8.36 -31.49 -8.25
N THR B 183 8.93 -31.48 -9.48
CA THR B 183 10.37 -31.37 -9.68
C THR B 183 10.72 -29.96 -10.15
N GLU B 184 11.96 -29.53 -9.89
CA GLU B 184 12.49 -28.25 -10.37
C GLU B 184 12.52 -28.25 -11.92
N GLU B 185 12.85 -29.44 -12.51
CA GLU B 185 12.90 -29.67 -13.96
C GLU B 185 11.53 -29.43 -14.62
N GLY B 186 10.49 -30.00 -14.04
CA GLY B 186 9.11 -29.83 -14.52
C GLY B 186 8.64 -28.40 -14.41
N ARG B 187 8.93 -27.76 -13.26
CA ARG B 187 8.52 -26.36 -13.02
C ARG B 187 9.19 -25.42 -14.02
N LYS B 188 10.50 -25.60 -14.27
CA LYS B 188 11.25 -24.81 -15.25
C LYS B 188 10.75 -25.03 -16.67
N ALA B 189 10.37 -26.28 -17.03
CA ALA B 189 9.85 -26.67 -18.34
C ALA B 189 8.48 -26.02 -18.58
N ALA B 190 7.64 -25.93 -17.53
CA ALA B 190 6.30 -25.30 -17.59
C ALA B 190 6.46 -23.81 -17.88
N ILE B 191 7.44 -23.15 -17.21
CA ILE B 191 7.72 -21.72 -17.38
C ILE B 191 8.32 -21.47 -18.78
N ALA B 192 9.17 -22.38 -19.28
CA ALA B 192 9.77 -22.30 -20.61
C ALA B 192 8.67 -22.37 -21.68
N LYS B 193 7.65 -23.24 -21.47
CA LYS B 193 6.52 -23.41 -22.38
C LYS B 193 5.67 -22.13 -22.43
N LEU B 194 5.43 -21.50 -21.26
CA LEU B 194 4.68 -20.25 -21.18
C LEU B 194 5.45 -19.12 -21.88
N THR B 195 6.79 -19.10 -21.70
CA THR B 195 7.69 -18.14 -22.33
C THR B 195 7.61 -18.27 -23.86
N GLU B 196 7.56 -19.50 -24.38
CA GLU B 196 7.44 -19.82 -25.81
C GLU B 196 6.10 -19.27 -26.37
N LEU B 197 5.02 -19.38 -25.59
CA LEU B 197 3.70 -18.91 -26.01
C LEU B 197 3.56 -17.39 -25.89
N ALA B 198 4.22 -16.78 -24.87
CA ALA B 198 4.12 -15.35 -24.53
C ALA B 198 4.08 -14.37 -25.73
N PRO B 199 4.88 -14.49 -26.83
CA PRO B 199 4.74 -13.52 -27.94
C PRO B 199 3.36 -13.52 -28.62
N SER B 200 2.60 -14.63 -28.51
CA SER B 200 1.25 -14.75 -29.08
C SER B 200 0.16 -14.34 -28.08
N VAL B 201 0.57 -13.94 -26.85
CA VAL B 201 -0.38 -13.51 -25.80
C VAL B 201 -0.58 -12.01 -25.95
N SER B 202 -1.74 -11.61 -26.49
CA SER B 202 -2.07 -10.19 -26.71
C SER B 202 -2.47 -9.44 -25.43
N VAL B 203 -3.09 -10.14 -24.47
CA VAL B 203 -3.56 -9.50 -23.23
C VAL B 203 -3.41 -10.49 -22.07
N TRP B 204 -2.91 -9.99 -20.93
CA TRP B 204 -2.83 -10.74 -19.69
C TRP B 204 -4.00 -10.17 -18.87
N TRP B 205 -5.17 -10.82 -18.98
CA TRP B 205 -6.38 -10.33 -18.35
C TRP B 205 -6.28 -10.37 -16.83
N GLU B 206 -6.88 -9.38 -16.17
CA GLU B 206 -6.77 -9.23 -14.71
C GLU B 206 -8.03 -9.60 -13.91
N SER B 207 -9.21 -9.45 -14.51
CA SER B 207 -10.45 -9.76 -13.81
C SER B 207 -11.37 -10.56 -14.71
N GLY B 208 -12.30 -11.29 -14.11
CA GLY B 208 -13.28 -12.06 -14.85
C GLY B 208 -14.14 -11.18 -15.76
N ALA B 209 -14.52 -9.96 -15.27
CA ALA B 209 -15.31 -9.04 -16.08
C ALA B 209 -14.51 -8.59 -17.31
N GLN B 210 -13.20 -8.31 -17.13
CA GLN B 210 -12.36 -7.91 -18.26
C GLN B 210 -12.30 -9.05 -19.28
N ALA B 211 -12.12 -10.29 -18.81
CA ALA B 211 -12.07 -11.48 -19.69
C ALA B 211 -13.37 -11.60 -20.48
N ALA B 212 -14.52 -11.44 -19.79
CA ALA B 212 -15.83 -11.52 -20.43
C ALA B 212 -15.95 -10.41 -21.52
N GLN B 213 -15.41 -9.20 -21.23
CA GLN B 213 -15.49 -8.09 -22.19
C GLN B 213 -14.64 -8.39 -23.42
N LEU B 214 -13.43 -8.95 -23.22
CA LEU B 214 -12.54 -9.35 -24.35
C LEU B 214 -13.30 -10.32 -25.28
N ILE B 215 -14.04 -11.25 -24.68
CA ILE B 215 -14.86 -12.26 -25.38
C ILE B 215 -16.01 -11.59 -26.14
N LYS B 216 -16.78 -10.74 -25.45
CA LYS B 216 -17.89 -10.01 -26.08
C LYS B 216 -17.43 -9.15 -27.26
N ASP B 217 -16.27 -8.51 -27.15
CA ASP B 217 -15.76 -7.64 -28.22
C ASP B 217 -14.98 -8.39 -29.30
N GLY B 218 -14.78 -9.70 -29.10
CA GLY B 218 -14.00 -10.55 -30.00
C GLY B 218 -12.57 -10.05 -30.14
N GLU B 219 -12.02 -9.45 -29.06
CA GLU B 219 -10.68 -8.84 -29.06
C GLU B 219 -9.55 -9.88 -28.99
N VAL B 220 -9.88 -11.13 -28.64
CA VAL B 220 -8.94 -12.25 -28.58
C VAL B 220 -9.46 -13.38 -29.46
N ASP B 221 -8.57 -14.31 -29.83
CA ASP B 221 -8.98 -15.48 -30.64
C ASP B 221 -9.24 -16.68 -29.78
N MET B 222 -8.54 -16.75 -28.65
CA MET B 222 -8.73 -17.83 -27.68
C MET B 222 -8.27 -17.32 -26.32
N ILE B 223 -8.82 -17.91 -25.26
CA ILE B 223 -8.54 -17.42 -23.88
C ILE B 223 -8.71 -18.55 -22.90
N ILE B 224 -7.88 -18.54 -21.87
CA ILE B 224 -8.06 -19.43 -20.73
C ILE B 224 -8.62 -18.54 -19.63
N THR B 225 -9.88 -18.80 -19.26
CA THR B 225 -10.53 -18.03 -18.18
C THR B 225 -11.60 -18.92 -17.52
N TRP B 226 -12.38 -18.32 -16.62
CA TRP B 226 -13.36 -19.01 -15.80
C TRP B 226 -14.68 -19.22 -16.55
N GLY B 227 -15.21 -20.44 -16.45
CA GLY B 227 -16.42 -20.90 -17.17
C GLY B 227 -17.63 -19.98 -17.05
N GLY B 228 -17.87 -19.47 -15.84
CA GLY B 228 -18.99 -18.56 -15.60
C GLY B 228 -18.90 -17.27 -16.38
N ARG B 229 -17.67 -16.71 -16.43
CA ARG B 229 -17.41 -15.50 -17.18
C ARG B 229 -17.64 -15.75 -18.68
N VAL B 230 -17.17 -16.92 -19.17
CA VAL B 230 -17.31 -17.28 -20.60
C VAL B 230 -18.79 -17.45 -20.95
N GLN B 231 -19.52 -18.27 -20.18
CA GLN B 231 -20.95 -18.51 -20.45
C GLN B 231 -21.76 -17.19 -20.42
N GLY B 232 -21.43 -16.32 -19.46
CA GLY B 232 -22.07 -15.01 -19.36
C GLY B 232 -21.85 -14.15 -20.58
N ALA B 233 -20.62 -14.16 -21.14
CA ALA B 233 -20.32 -13.42 -22.36
C ALA B 233 -21.10 -13.98 -23.57
N ILE B 234 -21.15 -15.31 -23.70
CA ILE B 234 -21.91 -16.00 -24.77
C ILE B 234 -23.42 -15.66 -24.62
N ASN B 235 -23.95 -15.67 -23.37
CA ASN B 235 -25.36 -15.30 -23.13
C ASN B 235 -25.63 -13.86 -23.58
N ASP B 236 -24.60 -13.00 -23.47
CA ASP B 236 -24.66 -11.59 -23.87
C ASP B 236 -24.41 -11.38 -25.38
N GLY B 237 -24.30 -12.48 -26.12
CA GLY B 237 -24.16 -12.45 -27.57
C GLY B 237 -22.79 -12.75 -28.15
N ALA B 238 -21.76 -13.06 -27.31
CA ALA B 238 -20.41 -13.35 -27.82
C ALA B 238 -20.41 -14.60 -28.69
N ASN B 239 -19.75 -14.52 -29.85
CA ASN B 239 -19.67 -15.62 -30.80
C ASN B 239 -18.46 -16.49 -30.47
N PHE B 240 -18.50 -17.11 -29.28
CA PHE B 240 -17.47 -17.97 -28.75
C PHE B 240 -18.01 -19.32 -28.40
N ALA B 241 -17.11 -20.28 -28.31
CA ALA B 241 -17.43 -21.64 -27.88
C ALA B 241 -16.37 -22.02 -26.86
N TYR B 242 -16.64 -23.06 -26.09
CA TYR B 242 -15.68 -23.52 -25.09
C TYR B 242 -15.84 -24.99 -24.83
N THR B 243 -14.87 -25.56 -24.13
CA THR B 243 -14.85 -26.98 -23.78
C THR B 243 -14.36 -27.11 -22.33
N PHE B 244 -14.72 -28.21 -21.68
CA PHE B 244 -14.20 -28.52 -20.34
C PHE B 244 -12.94 -29.41 -20.48
N ASN B 245 -12.58 -29.84 -21.72
CA ASN B 245 -11.40 -30.69 -21.90
C ASN B 245 -10.14 -29.95 -21.44
N ASP B 246 -9.35 -30.59 -20.55
CA ASP B 246 -8.13 -30.01 -19.95
C ASP B 246 -8.40 -28.83 -19.02
N ALA B 247 -9.66 -28.64 -18.62
CA ALA B 247 -9.95 -27.54 -17.68
C ALA B 247 -9.52 -27.93 -16.25
N GLN B 248 -9.25 -26.91 -15.41
CA GLN B 248 -8.90 -27.15 -14.02
C GLN B 248 -10.17 -26.92 -13.20
N LEU B 249 -10.51 -27.92 -12.37
CA LEU B 249 -11.68 -27.85 -11.49
C LEU B 249 -11.21 -27.15 -10.20
N GLY B 250 -11.72 -25.93 -10.02
CA GLY B 250 -11.36 -25.09 -8.89
C GLY B 250 -12.44 -25.06 -7.84
N THR B 251 -12.08 -24.49 -6.68
CA THR B 251 -12.98 -24.29 -5.55
C THR B 251 -12.78 -22.88 -5.03
N ASP B 252 -13.87 -22.11 -4.94
CA ASP B 252 -13.82 -20.77 -4.35
C ASP B 252 -14.51 -20.87 -3.01
N GLY B 253 -14.18 -19.96 -2.12
CA GLY B 253 -14.78 -19.97 -0.79
C GLY B 253 -14.48 -18.71 -0.05
N TYR B 254 -14.85 -18.71 1.24
CA TYR B 254 -14.73 -17.54 2.11
C TYR B 254 -13.79 -17.76 3.27
N ALA B 255 -13.13 -16.66 3.65
CA ALA B 255 -12.24 -16.60 4.81
C ALA B 255 -12.51 -15.27 5.49
N ILE B 256 -12.14 -15.16 6.78
CA ILE B 256 -12.27 -13.92 7.53
C ILE B 256 -10.86 -13.37 7.75
N VAL B 257 -10.67 -12.09 7.42
CA VAL B 257 -9.37 -11.40 7.52
C VAL B 257 -8.93 -11.29 8.98
N LYS B 258 -7.65 -11.63 9.26
CA LYS B 258 -7.06 -11.53 10.61
C LYS B 258 -7.19 -10.07 11.09
N GLY B 259 -7.85 -9.89 12.23
CA GLY B 259 -8.06 -8.57 12.81
C GLY B 259 -9.28 -7.86 12.20
N ALA B 260 -10.19 -8.63 11.55
CA ALA B 260 -11.44 -8.12 10.94
C ALA B 260 -12.18 -7.25 11.96
N PRO B 261 -12.58 -6.01 11.58
CA PRO B 261 -13.24 -5.13 12.57
C PRO B 261 -14.59 -5.62 13.11
N HIS B 262 -15.29 -6.47 12.34
CA HIS B 262 -16.58 -7.03 12.74
C HIS B 262 -16.52 -8.55 12.69
N ARG B 263 -15.43 -9.13 13.23
CA ARG B 263 -15.12 -10.56 13.24
C ARG B 263 -16.31 -11.46 13.66
N ASP B 264 -16.94 -11.16 14.81
CA ASP B 264 -18.04 -11.98 15.32
C ASP B 264 -19.28 -11.94 14.42
N ALA B 265 -19.70 -10.75 13.97
CA ALA B 265 -20.84 -10.59 13.06
C ALA B 265 -20.54 -11.29 11.70
N ALA B 266 -19.29 -11.16 11.23
CA ALA B 266 -18.82 -11.80 9.99
C ALA B 266 -18.91 -13.33 10.09
N MET B 267 -18.56 -13.92 11.26
CA MET B 267 -18.65 -15.35 11.49
C MET B 267 -20.11 -15.85 11.35
N ARG B 268 -21.06 -15.11 11.96
CA ARG B 268 -22.48 -15.41 11.91
C ARG B 268 -23.00 -15.31 10.48
N PHE B 269 -22.54 -14.28 9.74
CA PHE B 269 -22.93 -14.00 8.36
C PHE B 269 -22.45 -15.12 7.45
N LEU B 270 -21.18 -15.52 7.61
CA LEU B 270 -20.59 -16.62 6.83
C LEU B 270 -21.30 -17.97 7.11
N LYS B 271 -21.64 -18.24 8.39
CA LYS B 271 -22.34 -19.47 8.76
C LYS B 271 -23.71 -19.52 8.07
N GLU B 272 -24.44 -18.38 8.12
CA GLU B 272 -25.75 -18.27 7.51
C GLU B 272 -25.67 -18.44 5.99
N MET B 273 -24.81 -17.65 5.29
CA MET B 273 -24.74 -17.69 3.82
C MET B 273 -24.27 -19.05 3.25
N SER B 274 -23.61 -19.90 4.08
CA SER B 274 -23.11 -21.22 3.67
C SER B 274 -24.25 -22.26 3.61
N LYS B 275 -25.43 -21.92 4.15
CA LYS B 275 -26.60 -22.81 4.20
C LYS B 275 -27.13 -23.20 2.82
N ALA B 276 -27.67 -24.43 2.73
CA ALA B 276 -28.24 -25.00 1.52
C ALA B 276 -29.31 -24.12 0.87
N GLU B 277 -30.18 -23.52 1.70
CA GLU B 277 -31.29 -22.64 1.27
C GLU B 277 -30.83 -21.42 0.45
N TYR B 278 -29.57 -20.99 0.62
CA TYR B 278 -28.99 -19.86 -0.13
C TYR B 278 -28.18 -20.39 -1.29
N GLN B 279 -27.35 -21.42 -1.03
CA GLN B 279 -26.49 -22.08 -2.01
C GLN B 279 -27.26 -22.57 -3.24
N LYS B 280 -28.51 -23.04 -3.04
CA LYS B 280 -29.36 -23.51 -4.15
C LYS B 280 -29.58 -22.46 -5.25
N ASP B 281 -29.57 -21.16 -4.89
CA ASP B 281 -29.82 -20.03 -5.81
C ASP B 281 -28.58 -19.49 -6.49
N LEU B 282 -27.39 -19.90 -6.03
CA LEU B 282 -26.12 -19.42 -6.59
C LEU B 282 -26.02 -19.54 -8.13
N PRO B 283 -26.47 -20.65 -8.78
CA PRO B 283 -26.36 -20.72 -10.26
C PRO B 283 -27.61 -20.28 -11.02
N ASN B 284 -28.54 -19.54 -10.38
CA ASN B 284 -29.80 -19.13 -11.05
C ASN B 284 -29.61 -18.46 -12.41
N SER B 285 -28.60 -17.60 -12.51
CA SER B 285 -28.29 -16.97 -13.80
C SER B 285 -26.83 -17.22 -14.16
N PHE B 286 -25.92 -17.08 -13.16
CA PHE B 286 -24.47 -17.25 -13.36
C PHE B 286 -24.06 -18.71 -13.39
N ALA B 287 -23.25 -19.10 -14.38
CA ALA B 287 -22.83 -20.50 -14.54
C ALA B 287 -21.73 -20.87 -13.53
N THR B 288 -22.17 -21.31 -12.35
CA THR B 288 -21.32 -21.80 -11.27
C THR B 288 -21.96 -23.06 -10.69
N ALA B 289 -21.29 -23.72 -9.72
CA ALA B 289 -21.81 -24.93 -9.08
C ALA B 289 -21.75 -24.73 -7.58
N PRO B 290 -22.88 -24.88 -6.84
CA PRO B 290 -22.81 -24.72 -5.37
C PRO B 290 -21.92 -25.79 -4.73
N ALA B 291 -21.25 -25.47 -3.61
CA ALA B 291 -20.38 -26.44 -2.91
C ALA B 291 -21.19 -27.25 -1.89
N ASN B 292 -22.27 -26.67 -1.35
CA ASN B 292 -23.12 -27.37 -0.36
C ASN B 292 -23.98 -28.43 -1.08
N MET B 293 -23.65 -29.72 -0.85
CA MET B 293 -24.32 -30.89 -1.44
C MET B 293 -25.83 -30.88 -1.25
N LYS B 294 -26.29 -30.32 -0.12
CA LYS B 294 -27.72 -30.23 0.21
C LYS B 294 -28.47 -29.29 -0.75
N ALA B 295 -27.75 -28.32 -1.37
CA ALA B 295 -28.35 -27.38 -2.33
C ALA B 295 -28.99 -28.10 -3.53
N TYR B 296 -28.35 -29.19 -4.01
CA TYR B 296 -28.76 -29.99 -5.16
C TYR B 296 -30.11 -30.66 -4.95
N ASP B 297 -30.36 -31.16 -3.71
CA ASP B 297 -31.60 -31.81 -3.29
C ASP B 297 -32.75 -30.80 -3.31
N LEU B 298 -32.47 -29.54 -2.92
CA LEU B 298 -33.47 -28.46 -2.87
C LEU B 298 -33.81 -27.85 -4.24
N ALA B 299 -32.80 -27.60 -5.08
CA ALA B 299 -32.97 -26.94 -6.37
C ALA B 299 -33.41 -27.85 -7.54
N LYS B 300 -33.00 -29.14 -7.51
CA LYS B 300 -33.28 -30.15 -8.56
C LYS B 300 -32.99 -29.63 -9.99
N TYR B 301 -31.75 -29.14 -10.22
CA TYR B 301 -31.27 -28.59 -11.50
C TYR B 301 -31.55 -29.45 -12.73
N THR B 302 -31.95 -28.81 -13.84
CA THR B 302 -32.26 -29.46 -15.12
C THR B 302 -30.95 -30.03 -15.75
N PRO B 303 -31.01 -31.10 -16.59
CA PRO B 303 -29.75 -31.62 -17.19
C PRO B 303 -28.95 -30.59 -17.97
N GLU B 304 -29.65 -29.61 -18.58
CA GLU B 304 -29.04 -28.51 -19.35
C GLU B 304 -28.22 -27.63 -18.42
N LYS B 305 -28.82 -27.25 -17.25
CA LYS B 305 -28.19 -26.43 -16.21
C LYS B 305 -26.93 -27.14 -15.69
N MET B 306 -27.04 -28.45 -15.46
CA MET B 306 -25.97 -29.34 -14.98
C MET B 306 -24.73 -29.34 -15.88
N ALA B 307 -24.94 -29.42 -17.22
CA ALA B 307 -23.87 -29.48 -18.23
C ALA B 307 -22.93 -28.28 -18.25
N THR B 308 -23.35 -27.13 -17.65
CA THR B 308 -22.56 -25.89 -17.55
C THR B 308 -21.78 -25.91 -16.24
N MET B 309 -22.16 -26.83 -15.33
CA MET B 309 -21.51 -26.95 -14.01
C MET B 309 -20.18 -27.69 -14.06
N ALA B 310 -19.15 -27.03 -13.51
CA ALA B 310 -17.79 -27.55 -13.42
C ALA B 310 -17.75 -28.93 -12.78
N SER B 311 -18.61 -29.13 -11.75
CA SER B 311 -18.65 -30.37 -10.97
C SER B 311 -19.60 -31.47 -11.52
N ALA B 312 -20.26 -31.27 -12.68
CA ALA B 312 -21.14 -32.33 -13.21
C ALA B 312 -20.24 -33.53 -13.63
N PRO B 313 -20.65 -34.80 -13.35
CA PRO B 313 -19.79 -35.96 -13.68
C PRO B 313 -19.16 -35.96 -15.08
N GLU B 314 -19.95 -35.64 -16.12
CA GLU B 314 -19.45 -35.60 -17.49
C GLU B 314 -18.33 -34.58 -17.72
N ASN B 315 -18.40 -33.44 -17.02
CA ASN B 315 -17.39 -32.40 -17.11
C ASN B 315 -16.18 -32.74 -16.28
N VAL B 316 -16.36 -33.31 -15.06
CA VAL B 316 -15.23 -33.71 -14.21
C VAL B 316 -14.32 -34.72 -14.90
N ALA B 317 -14.91 -35.67 -15.66
CA ALA B 317 -14.18 -36.72 -16.37
C ALA B 317 -13.06 -36.21 -17.28
N VAL B 318 -13.19 -34.97 -17.82
CA VAL B 318 -12.18 -34.40 -18.73
C VAL B 318 -11.36 -33.29 -18.09
N GLN B 319 -11.51 -33.12 -16.77
CA GLN B 319 -10.80 -32.11 -15.98
C GLN B 319 -9.83 -32.76 -14.99
N TYR B 320 -9.07 -31.93 -14.28
CA TYR B 320 -8.23 -32.38 -13.18
C TYR B 320 -8.46 -31.32 -12.09
N SER B 321 -8.37 -31.71 -10.81
CA SER B 321 -8.60 -30.76 -9.71
C SER B 321 -7.35 -29.97 -9.35
N VAL B 322 -7.54 -28.69 -8.96
CA VAL B 322 -6.43 -27.86 -8.48
C VAL B 322 -5.84 -28.57 -7.23
N ASP B 323 -4.52 -28.49 -7.04
CA ASP B 323 -3.90 -29.10 -5.86
C ASP B 323 -3.38 -28.02 -4.94
N PRO B 324 -4.11 -27.73 -3.85
CA PRO B 324 -3.63 -26.69 -2.90
C PRO B 324 -2.27 -27.01 -2.27
N ASN B 325 -1.90 -28.31 -2.15
CA ASN B 325 -0.59 -28.72 -1.60
C ASN B 325 0.55 -28.21 -2.47
N PHE B 326 0.36 -28.19 -3.82
CA PHE B 326 1.39 -27.68 -4.72
C PHE B 326 1.58 -26.19 -4.46
N TRP B 327 0.44 -25.46 -4.43
CA TRP B 327 0.41 -24.02 -4.21
C TRP B 327 0.88 -23.63 -2.82
N ALA B 328 0.71 -24.51 -1.82
CA ALA B 328 1.22 -24.27 -0.45
C ALA B 328 2.76 -24.20 -0.45
N LYS B 329 3.39 -25.00 -1.31
CA LYS B 329 4.84 -25.11 -1.38
C LYS B 329 5.51 -24.14 -2.37
N HIS B 330 4.89 -23.95 -3.55
CA HIS B 330 5.51 -23.21 -4.65
C HIS B 330 4.84 -21.92 -5.12
N ALA B 331 3.87 -21.36 -4.36
CA ALA B 331 3.19 -20.12 -4.78
C ALA B 331 4.13 -18.93 -5.00
N LYS B 332 5.11 -18.73 -4.10
CA LYS B 332 6.08 -17.64 -4.20
C LYS B 332 6.91 -17.77 -5.47
N TRP B 333 7.50 -18.97 -5.72
CA TRP B 333 8.28 -19.23 -6.93
C TRP B 333 7.40 -18.98 -8.17
N ALA B 334 6.15 -19.46 -8.13
CA ALA B 334 5.21 -19.35 -9.27
C ALA B 334 4.87 -17.90 -9.59
N SER B 335 4.53 -17.10 -8.56
CA SER B 335 4.20 -15.69 -8.71
C SER B 335 5.34 -14.93 -9.40
N GLU B 336 6.58 -15.07 -8.88
CA GLU B 336 7.76 -14.39 -9.43
C GLU B 336 8.11 -14.84 -10.86
N ALA B 337 8.19 -16.17 -11.10
CA ALA B 337 8.52 -16.69 -12.43
C ALA B 337 7.48 -16.30 -13.48
N TYR B 338 6.19 -16.35 -13.12
CA TYR B 338 5.11 -15.98 -14.04
C TYR B 338 5.09 -14.46 -14.32
N ASP B 339 5.41 -13.63 -13.29
CA ASP B 339 5.56 -12.17 -13.44
C ASP B 339 6.60 -11.92 -14.54
N ASN B 340 7.74 -12.65 -14.48
CA ASN B 340 8.83 -12.52 -15.44
C ASN B 340 8.41 -12.92 -16.86
N VAL B 341 7.61 -14.00 -17.00
CA VAL B 341 7.06 -14.47 -18.28
C VAL B 341 6.25 -13.34 -18.97
N ARG B 342 5.41 -12.63 -18.20
CA ARG B 342 4.53 -11.56 -18.69
C ARG B 342 5.24 -10.25 -19.08
N LEU B 343 6.51 -10.07 -18.69
CA LEU B 343 7.30 -8.87 -19.00
C LEU B 343 7.53 -8.68 -20.50
#